data_9C7I
#
_entry.id   9C7I
#
_cell.length_a   68.522
_cell.length_b   89.804
_cell.length_c   114.110
_cell.angle_alpha   90.00
_cell.angle_beta   90.82
_cell.angle_gamma   90.00
#
_symmetry.space_group_name_H-M   'P 1 21 1'
#
loop_
_entity.id
_entity.type
_entity.pdbx_description
1 polymer '(+)-caryolan-1-ol synthase'
2 non-polymer 'TETRAETHYLENE GLYCOL'
3 non-polymer 'CALCIUM ION'
4 non-polymer 'PENTAETHYLENE GLYCOL'
5 water water
#
_entity_poly.entity_id   1
_entity_poly.type   'polypeptide(L)'
_entity_poly.pdbx_seq_one_letter_code
;MGHHHHHHENLYFQGSQITLPAFHMPFQSAGCHPGLAETREAAWEWAAAEGLDLSVPARRKMIRTRPELWISLIFPQATQ
AHLDLFCQWLFWAFLVDDEFDDGPAGRDPLMCERAIARLVDVFDGAAPNGPMERALAGLRDRTCRGRSPQWNRQFRRDTA
AWLWTYYAEAVERAAGQVPSRAEFAKHRRDSVAMQPFLCLHEITAGIDLPDSARSLPAYIALRNAVTDHSGLCNDICSFE
KEAALGYEHNAVRLIQRDRGSTLQEAVDEAGIQLARIAERVQRAERELIEEIEAAGIDGPTRTALERCVRDYRGLVRGDF
DYHARAERYTRPDLVELDERDSLSRHFAA
;
_entity_poly.pdbx_strand_id   A,B,C,D
#
# COMPACT_ATOMS: atom_id res chain seq x y z
N ILE A 18 -3.32 4.41 -28.76
CA ILE A 18 -3.38 3.60 -27.55
C ILE A 18 -3.53 2.13 -27.91
N THR A 19 -2.67 1.29 -27.33
CA THR A 19 -2.65 -0.14 -27.59
C THR A 19 -3.02 -0.90 -26.33
N LEU A 20 -4.00 -1.80 -26.45
CA LEU A 20 -4.40 -2.61 -25.32
C LEU A 20 -3.24 -3.52 -24.90
N PRO A 21 -3.12 -3.81 -23.61
CA PRO A 21 -2.02 -4.66 -23.14
C PRO A 21 -2.29 -6.14 -23.42
N ALA A 22 -1.22 -6.92 -23.34
CA ALA A 22 -1.33 -8.38 -23.43
C ALA A 22 -1.91 -8.89 -22.12
N PHE A 23 -3.21 -9.16 -22.11
CA PHE A 23 -3.89 -9.53 -20.88
C PHE A 23 -3.46 -10.92 -20.41
N HIS A 24 -3.50 -11.11 -19.09
CA HIS A 24 -3.24 -12.41 -18.49
C HIS A 24 -4.57 -13.14 -18.37
N MET A 25 -4.81 -14.10 -19.28
CA MET A 25 -6.07 -14.84 -19.34
C MET A 25 -5.77 -16.33 -19.31
N PRO A 26 -5.61 -16.91 -18.13
CA PRO A 26 -5.37 -18.35 -17.99
C PRO A 26 -6.63 -19.21 -17.97
N PHE A 27 -7.80 -18.61 -18.16
CA PHE A 27 -9.07 -19.33 -18.09
C PHE A 27 -9.51 -19.73 -19.49
N GLN A 28 -9.70 -21.02 -19.71
CA GLN A 28 -10.17 -21.49 -21.00
C GLN A 28 -11.61 -21.05 -21.24
N SER A 29 -11.99 -21.03 -22.52
CA SER A 29 -13.32 -20.60 -22.91
C SER A 29 -14.33 -21.73 -22.72
N ALA A 30 -15.51 -21.38 -22.24
CA ALA A 30 -16.63 -22.30 -22.15
C ALA A 30 -17.47 -22.31 -23.43
N GLY A 31 -17.07 -21.56 -24.45
CA GLY A 31 -17.80 -21.50 -25.69
C GLY A 31 -18.80 -20.35 -25.73
N CYS A 32 -19.54 -20.30 -26.83
CA CYS A 32 -20.60 -19.32 -27.02
C CYS A 32 -21.90 -20.05 -27.31
N HIS A 33 -22.99 -19.55 -26.78
CA HIS A 33 -24.28 -20.21 -26.91
C HIS A 33 -24.71 -20.23 -28.37
N PRO A 34 -25.19 -21.37 -28.89
CA PRO A 34 -25.61 -21.40 -30.29
C PRO A 34 -26.88 -20.61 -30.56
N GLY A 35 -27.63 -20.22 -29.54
CA GLY A 35 -28.85 -19.48 -29.72
C GLY A 35 -28.69 -17.98 -29.58
N LEU A 36 -27.50 -17.48 -29.91
CA LEU A 36 -27.25 -16.04 -29.84
C LEU A 36 -28.20 -15.29 -30.76
N ALA A 37 -28.32 -15.72 -32.01
CA ALA A 37 -29.21 -15.06 -32.95
C ALA A 37 -30.66 -15.16 -32.51
N GLU A 38 -31.05 -16.31 -31.95
CA GLU A 38 -32.43 -16.49 -31.52
C GLU A 38 -32.75 -15.64 -30.29
N THR A 39 -31.83 -15.58 -29.32
CA THR A 39 -32.09 -14.83 -28.10
C THR A 39 -32.09 -13.32 -28.35
N ARG A 40 -31.41 -12.85 -29.40
CA ARG A 40 -31.51 -11.44 -29.74
C ARG A 40 -32.88 -11.12 -30.34
N GLU A 41 -33.37 -11.97 -31.24
CA GLU A 41 -34.70 -11.76 -31.81
C GLU A 41 -35.77 -11.82 -30.74
N ALA A 42 -35.61 -12.72 -29.77
CA ALA A 42 -36.57 -12.79 -28.66
C ALA A 42 -36.46 -11.58 -27.75
N ALA A 43 -35.26 -11.01 -27.62
CA ALA A 43 -35.07 -9.84 -26.77
C ALA A 43 -35.84 -8.64 -27.33
N TRP A 44 -35.67 -8.36 -28.62
CA TRP A 44 -36.39 -7.25 -29.24
C TRP A 44 -37.87 -7.56 -29.38
N GLU A 45 -38.23 -8.84 -29.60
CA GLU A 45 -39.63 -9.22 -29.56
C GLU A 45 -40.22 -9.01 -28.19
N TRP A 46 -39.42 -9.20 -27.13
CA TRP A 46 -39.88 -8.92 -25.77
C TRP A 46 -40.02 -7.42 -25.53
N ALA A 47 -39.10 -6.63 -26.09
CA ALA A 47 -39.17 -5.18 -25.91
C ALA A 47 -40.40 -4.60 -26.60
N ALA A 48 -40.76 -5.14 -27.77
CA ALA A 48 -41.93 -4.65 -28.49
C ALA A 48 -43.21 -5.04 -27.78
N ALA A 49 -43.28 -6.28 -27.28
CA ALA A 49 -44.49 -6.74 -26.60
C ALA A 49 -44.72 -5.97 -25.30
N GLU A 50 -43.65 -5.54 -24.63
CA GLU A 50 -43.77 -4.76 -23.41
C GLU A 50 -43.97 -3.27 -23.68
N GLY A 51 -44.08 -2.86 -24.94
CA GLY A 51 -44.25 -1.46 -25.25
C GLY A 51 -43.02 -0.61 -25.02
N LEU A 52 -41.85 -1.23 -24.89
CA LEU A 52 -40.59 -0.50 -24.70
C LEU A 52 -40.28 0.25 -25.99
N ASP A 53 -40.58 1.55 -26.01
CA ASP A 53 -40.38 2.38 -27.18
C ASP A 53 -39.01 3.02 -27.10
N LEU A 54 -38.07 2.51 -27.91
CA LEU A 54 -36.71 3.01 -27.93
C LEU A 54 -36.55 4.07 -29.00
N SER A 55 -35.73 5.08 -28.70
CA SER A 55 -35.35 6.05 -29.72
C SER A 55 -34.37 5.42 -30.70
N VAL A 56 -34.12 6.13 -31.79
CA VAL A 56 -33.20 5.63 -32.82
C VAL A 56 -31.77 5.58 -32.28
N PRO A 57 -31.25 6.62 -31.61
CA PRO A 57 -29.92 6.47 -31.00
C PRO A 57 -29.86 5.39 -29.94
N ALA A 58 -30.95 5.18 -29.19
CA ALA A 58 -30.95 4.11 -28.20
C ALA A 58 -30.95 2.74 -28.87
N ARG A 59 -31.72 2.60 -29.96
CA ARG A 59 -31.71 1.34 -30.69
C ARG A 59 -30.33 1.06 -31.30
N ARG A 60 -29.69 2.08 -31.87
CA ARG A 60 -28.34 1.91 -32.39
C ARG A 60 -27.37 1.55 -31.27
N LYS A 61 -27.54 2.15 -30.09
CA LYS A 61 -26.67 1.84 -28.97
C LYS A 61 -26.83 0.40 -28.50
N MET A 62 -28.07 -0.09 -28.45
CA MET A 62 -28.31 -1.46 -28.02
C MET A 62 -27.74 -2.45 -29.02
N ILE A 63 -27.94 -2.20 -30.32
CA ILE A 63 -27.36 -3.08 -31.35
C ILE A 63 -25.84 -3.05 -31.27
N ARG A 64 -25.26 -1.87 -31.02
CA ARG A 64 -23.82 -1.76 -30.89
C ARG A 64 -23.30 -2.50 -29.67
N THR A 65 -24.07 -2.48 -28.58
CA THR A 65 -23.63 -3.12 -27.35
C THR A 65 -23.68 -4.65 -27.44
N ARG A 66 -24.59 -5.18 -28.27
CA ARG A 66 -24.76 -6.61 -28.46
C ARG A 66 -25.00 -7.32 -27.14
N PRO A 67 -26.15 -7.12 -26.50
CA PRO A 67 -26.43 -7.86 -25.26
C PRO A 67 -26.53 -9.35 -25.47
N GLU A 68 -26.93 -9.79 -26.67
CA GLU A 68 -27.00 -11.22 -26.96
C GLU A 68 -25.62 -11.87 -26.92
N LEU A 69 -24.57 -11.10 -27.25
CA LEU A 69 -23.22 -11.67 -27.25
C LEU A 69 -22.72 -11.90 -25.83
N TRP A 70 -22.88 -10.90 -24.96
CA TRP A 70 -22.42 -11.04 -23.59
C TRP A 70 -23.13 -12.20 -22.88
N ILE A 71 -24.46 -12.24 -22.98
CA ILE A 71 -25.22 -13.27 -22.27
C ILE A 71 -24.90 -14.65 -22.82
N SER A 72 -24.59 -14.75 -24.12
CA SER A 72 -24.25 -16.03 -24.72
C SER A 72 -22.85 -16.49 -24.30
N LEU A 73 -21.93 -15.56 -24.07
CA LEU A 73 -20.62 -15.90 -23.58
C LEU A 73 -20.61 -16.18 -22.08
N ILE A 74 -21.61 -15.69 -21.35
CA ILE A 74 -21.66 -15.94 -19.92
C ILE A 74 -22.34 -17.27 -19.62
N PHE A 75 -23.43 -17.58 -20.33
CA PHE A 75 -24.19 -18.81 -20.12
C PHE A 75 -24.25 -19.60 -21.42
N PRO A 76 -23.13 -20.23 -21.82
CA PRO A 76 -23.13 -20.95 -23.10
C PRO A 76 -23.88 -22.28 -23.08
N GLN A 77 -24.04 -22.91 -21.92
CA GLN A 77 -24.74 -24.18 -21.82
C GLN A 77 -26.19 -24.05 -21.37
N ALA A 78 -26.66 -22.82 -21.13
CA ALA A 78 -28.01 -22.62 -20.62
C ALA A 78 -29.05 -23.05 -21.65
N THR A 79 -30.24 -23.38 -21.14
CA THR A 79 -31.37 -23.64 -22.02
C THR A 79 -31.80 -22.35 -22.71
N GLN A 80 -32.48 -22.50 -23.85
CA GLN A 80 -32.89 -21.33 -24.63
C GLN A 80 -33.85 -20.45 -23.83
N ALA A 81 -34.73 -21.07 -23.04
CA ALA A 81 -35.67 -20.29 -22.23
C ALA A 81 -34.95 -19.46 -21.19
N HIS A 82 -33.96 -20.06 -20.51
CA HIS A 82 -33.18 -19.31 -19.53
C HIS A 82 -32.34 -18.23 -20.20
N LEU A 83 -31.75 -18.54 -21.36
CA LEU A 83 -30.93 -17.56 -22.06
C LEU A 83 -31.77 -16.35 -22.50
N ASP A 84 -32.97 -16.61 -23.01
CA ASP A 84 -33.84 -15.52 -23.42
C ASP A 84 -34.24 -14.65 -22.23
N LEU A 85 -34.58 -15.28 -21.11
CA LEU A 85 -34.97 -14.53 -19.92
C LEU A 85 -33.81 -13.68 -19.42
N PHE A 86 -32.62 -14.26 -19.33
CA PHE A 86 -31.46 -13.52 -18.84
C PHE A 86 -31.10 -12.39 -19.80
N CYS A 87 -31.25 -12.62 -21.10
CA CYS A 87 -30.95 -11.58 -22.08
C CYS A 87 -31.90 -10.40 -21.94
N GLN A 88 -33.17 -10.66 -21.61
CA GLN A 88 -34.12 -9.58 -21.43
C GLN A 88 -33.84 -8.79 -20.16
N TRP A 89 -33.35 -9.46 -19.11
CA TRP A 89 -32.82 -8.74 -17.96
C TRP A 89 -31.70 -7.79 -18.40
N LEU A 90 -30.76 -8.30 -19.18
CA LEU A 90 -29.65 -7.48 -19.68
C LEU A 90 -30.17 -6.36 -20.59
N PHE A 91 -31.12 -6.69 -21.48
CA PHE A 91 -31.74 -5.67 -22.30
C PHE A 91 -32.40 -4.59 -21.44
N TRP A 92 -33.05 -5.00 -20.35
CA TRP A 92 -33.67 -4.04 -19.45
C TRP A 92 -32.63 -3.24 -18.69
N ALA A 93 -31.57 -3.90 -18.21
CA ALA A 93 -30.54 -3.21 -17.46
C ALA A 93 -29.80 -2.19 -18.32
N PHE A 94 -29.60 -2.50 -19.60
CA PHE A 94 -28.98 -1.54 -20.50
C PHE A 94 -29.86 -0.32 -20.70
N LEU A 95 -31.18 -0.52 -20.77
CA LEU A 95 -32.10 0.61 -20.88
C LEU A 95 -32.11 1.44 -19.61
N VAL A 96 -31.93 0.81 -18.44
CA VAL A 96 -31.84 1.55 -17.20
C VAL A 96 -30.58 2.39 -17.17
N ASP A 97 -29.44 1.80 -17.57
CA ASP A 97 -28.19 2.55 -17.58
C ASP A 97 -28.23 3.71 -18.56
N ASP A 98 -28.93 3.53 -19.69
CA ASP A 98 -28.95 4.56 -20.73
C ASP A 98 -29.65 5.82 -20.23
N GLU A 99 -30.70 5.66 -19.44
CA GLU A 99 -31.48 6.81 -18.98
C GLU A 99 -30.75 7.63 -17.92
N PHE A 100 -29.81 7.04 -17.20
CA PHE A 100 -29.15 7.72 -16.09
C PHE A 100 -27.78 8.27 -16.47
N ASP A 101 -27.40 8.22 -17.74
CA ASP A 101 -26.18 8.88 -18.19
C ASP A 101 -26.47 9.96 -19.22
N ALA A 105 -31.80 15.02 -15.05
CA ALA A 105 -32.55 13.86 -14.58
C ALA A 105 -31.61 12.74 -14.16
N GLY A 106 -30.73 12.34 -15.09
CA GLY A 106 -29.74 11.33 -14.78
C GLY A 106 -28.67 11.79 -13.82
N ARG A 107 -28.45 13.10 -13.72
CA ARG A 107 -27.48 13.66 -12.78
C ARG A 107 -28.13 14.36 -11.60
N ASP A 108 -29.38 14.77 -11.71
CA ASP A 108 -30.07 15.40 -10.58
C ASP A 108 -30.36 14.36 -9.51
N PRO A 109 -29.81 14.49 -8.30
CA PRO A 109 -30.04 13.46 -7.28
C PRO A 109 -31.50 13.30 -6.88
N LEU A 110 -32.29 14.37 -6.95
CA LEU A 110 -33.70 14.27 -6.60
C LEU A 110 -34.46 13.41 -7.61
N MET A 111 -34.11 13.51 -8.90
CA MET A 111 -34.77 12.68 -9.91
C MET A 111 -34.35 11.22 -9.79
N CYS A 112 -33.04 10.98 -9.60
CA CYS A 112 -32.56 9.60 -9.46
C CYS A 112 -33.21 8.92 -8.27
N GLU A 113 -33.37 9.63 -7.15
CA GLU A 113 -33.95 9.03 -5.95
C GLU A 113 -35.37 8.56 -6.21
N ARG A 114 -36.20 9.42 -6.81
CA ARG A 114 -37.59 9.04 -7.07
C ARG A 114 -37.66 7.93 -8.12
N ALA A 115 -36.77 7.97 -9.11
CA ALA A 115 -36.80 6.95 -10.17
C ALA A 115 -36.38 5.58 -9.64
N ILE A 116 -35.29 5.53 -8.87
CA ILE A 116 -34.80 4.25 -8.36
C ILE A 116 -35.79 3.67 -7.35
N ALA A 117 -36.28 4.51 -6.44
CA ALA A 117 -37.23 4.03 -5.44
C ALA A 117 -38.51 3.51 -6.07
N ARG A 118 -38.87 4.03 -7.24
CA ARG A 118 -40.06 3.53 -7.93
C ARG A 118 -39.80 2.15 -8.53
N LEU A 119 -38.61 1.95 -9.10
CA LEU A 119 -38.27 0.65 -9.67
C LEU A 119 -38.13 -0.41 -8.59
N VAL A 120 -37.60 -0.04 -7.43
CA VAL A 120 -37.43 -1.01 -6.35
C VAL A 120 -38.78 -1.38 -5.74
N ASP A 121 -39.69 -0.41 -5.63
CA ASP A 121 -41.03 -0.71 -5.15
C ASP A 121 -41.77 -1.65 -6.09
N VAL A 122 -41.64 -1.43 -7.41
CA VAL A 122 -42.21 -2.36 -8.38
C VAL A 122 -41.60 -3.75 -8.20
N PHE A 123 -40.30 -3.82 -7.93
CA PHE A 123 -39.65 -5.10 -7.67
C PHE A 123 -40.24 -5.75 -6.43
N ASP A 124 -40.43 -4.97 -5.36
CA ASP A 124 -40.97 -5.52 -4.12
C ASP A 124 -42.47 -5.80 -4.19
N GLY A 125 -43.14 -5.43 -5.28
CA GLY A 125 -44.53 -5.84 -5.45
C GLY A 125 -45.51 -4.74 -5.77
N ALA A 126 -45.04 -3.50 -5.90
CA ALA A 126 -45.93 -2.41 -6.25
C ALA A 126 -46.42 -2.56 -7.69
N ALA A 127 -47.71 -2.29 -7.89
CA ALA A 127 -48.32 -2.47 -9.20
C ALA A 127 -47.60 -1.64 -10.24
N PRO A 128 -47.19 -2.22 -11.37
CA PRO A 128 -46.39 -1.47 -12.34
C PRO A 128 -47.22 -0.43 -13.09
N ASN A 129 -46.53 0.55 -13.64
CA ASN A 129 -47.18 1.64 -14.36
C ASN A 129 -46.67 1.73 -15.79
N GLY A 130 -45.49 2.31 -15.98
CA GLY A 130 -44.95 2.51 -17.29
C GLY A 130 -44.44 1.22 -17.90
N PRO A 131 -43.97 1.30 -19.16
CA PRO A 131 -43.43 0.10 -19.82
C PRO A 131 -42.22 -0.48 -19.11
N MET A 132 -41.31 0.38 -18.62
CA MET A 132 -40.14 -0.12 -17.91
C MET A 132 -40.52 -0.80 -16.61
N GLU A 133 -41.61 -0.36 -15.97
CA GLU A 133 -42.05 -0.98 -14.73
C GLU A 133 -42.76 -2.31 -14.99
N ARG A 134 -43.63 -2.34 -16.01
CA ARG A 134 -44.29 -3.60 -16.37
C ARG A 134 -43.29 -4.61 -16.91
N ALA A 135 -42.25 -4.15 -17.61
CA ALA A 135 -41.20 -5.06 -18.05
C ALA A 135 -40.46 -5.65 -16.85
N LEU A 136 -40.13 -4.82 -15.87
CA LEU A 136 -39.44 -5.31 -14.68
C LEU A 136 -40.32 -6.28 -13.90
N ALA A 137 -41.60 -5.96 -13.74
CA ALA A 137 -42.52 -6.86 -13.06
C ALA A 137 -42.60 -8.21 -13.77
N GLY A 138 -42.68 -8.19 -15.11
CA GLY A 138 -42.69 -9.45 -15.85
C GLY A 138 -41.40 -10.22 -15.70
N LEU A 139 -40.26 -9.51 -15.71
CA LEU A 139 -38.98 -10.17 -15.49
C LEU A 139 -38.91 -10.78 -14.09
N ARG A 140 -39.39 -10.05 -13.08
CA ARG A 140 -39.32 -10.56 -11.72
C ARG A 140 -40.24 -11.75 -11.51
N ASP A 141 -41.40 -11.75 -12.18
CA ASP A 141 -42.34 -12.87 -12.04
C ASP A 141 -41.76 -14.14 -12.62
N ARG A 142 -41.18 -14.05 -13.83
CA ARG A 142 -40.65 -15.24 -14.49
C ARG A 142 -39.39 -15.76 -13.79
N THR A 143 -38.66 -14.88 -13.11
CA THR A 143 -37.37 -15.25 -12.52
C THR A 143 -37.47 -15.59 -11.04
N CYS A 144 -38.09 -14.72 -10.24
CA CYS A 144 -38.00 -14.86 -8.79
C CYS A 144 -38.97 -15.89 -8.23
N ARG A 145 -40.12 -16.10 -8.89
CA ARG A 145 -41.07 -17.10 -8.43
C ARG A 145 -40.49 -18.50 -8.57
N GLY A 146 -40.67 -19.31 -7.53
CA GLY A 146 -40.12 -20.64 -7.47
C GLY A 146 -38.76 -20.74 -6.80
N ARG A 147 -38.02 -19.64 -6.73
CA ARG A 147 -36.71 -19.66 -6.11
C ARG A 147 -36.83 -19.54 -4.59
N SER A 148 -35.77 -19.96 -3.89
CA SER A 148 -35.80 -19.99 -2.44
C SER A 148 -35.68 -18.58 -1.87
N PRO A 149 -36.17 -18.37 -0.65
CA PRO A 149 -35.95 -17.07 0.00
C PRO A 149 -34.48 -16.74 0.18
N GLN A 150 -33.62 -17.76 0.32
CA GLN A 150 -32.18 -17.52 0.34
C GLN A 150 -31.73 -16.86 -0.96
N TRP A 151 -32.21 -17.37 -2.09
CA TRP A 151 -31.80 -16.81 -3.37
C TRP A 151 -32.44 -15.45 -3.62
N ASN A 152 -33.73 -15.31 -3.28
CA ASN A 152 -34.40 -14.03 -3.49
C ASN A 152 -33.79 -12.92 -2.63
N ARG A 153 -33.30 -13.28 -1.44
CA ARG A 153 -32.67 -12.27 -0.59
C ARG A 153 -31.36 -11.78 -1.20
N GLN A 154 -30.56 -12.69 -1.76
CA GLN A 154 -29.31 -12.28 -2.41
C GLN A 154 -29.57 -11.59 -3.73
N PHE A 155 -30.58 -12.05 -4.48
CA PHE A 155 -30.88 -11.44 -5.78
C PHE A 155 -31.35 -10.00 -5.61
N ARG A 156 -32.25 -9.76 -4.66
CA ARG A 156 -32.70 -8.40 -4.40
C ARG A 156 -31.56 -7.54 -3.88
N ARG A 157 -30.69 -8.13 -3.04
CA ARG A 157 -29.56 -7.36 -2.50
C ARG A 157 -28.65 -6.88 -3.62
N ASP A 158 -28.33 -7.75 -4.58
CA ASP A 158 -27.44 -7.36 -5.65
C ASP A 158 -28.12 -6.44 -6.65
N THR A 159 -29.41 -6.68 -6.93
CA THR A 159 -30.12 -5.85 -7.89
C THR A 159 -30.37 -4.45 -7.32
N ALA A 160 -30.81 -4.37 -6.07
CA ALA A 160 -31.05 -3.06 -5.46
C ALA A 160 -29.75 -2.28 -5.29
N ALA A 161 -28.67 -2.98 -4.92
CA ALA A 161 -27.38 -2.32 -4.80
C ALA A 161 -26.93 -1.71 -6.12
N TRP A 162 -27.17 -2.42 -7.23
CA TRP A 162 -26.82 -1.87 -8.53
C TRP A 162 -27.69 -0.67 -8.88
N LEU A 163 -28.99 -0.73 -8.57
CA LEU A 163 -29.87 0.38 -8.90
C LEU A 163 -29.50 1.64 -8.12
N TRP A 164 -29.15 1.48 -6.83
CA TRP A 164 -28.83 2.65 -6.02
C TRP A 164 -27.45 3.22 -6.31
N THR A 165 -26.61 2.53 -7.10
CA THR A 165 -25.31 3.09 -7.45
C THR A 165 -25.45 4.30 -8.38
N TYR A 166 -26.56 4.39 -9.12
CA TYR A 166 -26.81 5.60 -9.91
C TYR A 166 -27.12 6.79 -9.01
N TYR A 167 -27.88 6.55 -7.94
CA TYR A 167 -28.12 7.62 -6.97
C TYR A 167 -26.84 8.01 -6.26
N ALA A 168 -26.00 7.03 -5.90
CA ALA A 168 -24.75 7.32 -5.22
C ALA A 168 -23.84 8.18 -6.10
N GLU A 169 -23.71 7.80 -7.38
CA GLU A 169 -22.88 8.59 -8.29
C GLU A 169 -23.45 9.98 -8.51
N ALA A 170 -24.78 10.10 -8.56
CA ALA A 170 -25.42 11.39 -8.76
C ALA A 170 -25.14 12.33 -7.59
N VAL A 171 -25.34 11.83 -6.37
CA VAL A 171 -25.08 12.65 -5.19
C VAL A 171 -23.59 12.95 -5.06
N GLU A 172 -22.75 11.95 -5.36
CA GLU A 172 -21.31 12.15 -5.28
C GLU A 172 -20.83 13.19 -6.29
N ARG A 173 -21.44 13.19 -7.48
CA ARG A 173 -21.06 14.18 -8.49
C ARG A 173 -21.59 15.56 -8.15
N ALA A 174 -22.80 15.62 -7.59
CA ALA A 174 -23.39 16.92 -7.24
C ALA A 174 -22.65 17.58 -6.09
N ALA A 175 -22.05 16.79 -5.20
CA ALA A 175 -21.29 17.33 -4.08
C ALA A 175 -19.87 17.70 -4.47
N GLY A 176 -19.48 17.51 -5.73
CA GLY A 176 -18.10 17.71 -6.11
C GLY A 176 -17.14 16.70 -5.54
N GLN A 177 -17.65 15.58 -5.05
CA GLN A 177 -16.83 14.54 -4.46
C GLN A 177 -16.34 13.58 -5.54
N VAL A 178 -15.10 13.13 -5.42
CA VAL A 178 -14.51 12.19 -6.36
C VAL A 178 -14.16 10.90 -5.61
N PRO A 179 -14.33 9.73 -6.23
CA PRO A 179 -13.98 8.50 -5.53
C PRO A 179 -12.50 8.21 -5.60
N SER A 180 -11.96 7.70 -4.50
CA SER A 180 -10.59 7.21 -4.52
C SER A 180 -10.52 5.91 -5.31
N ARG A 181 -9.28 5.47 -5.57
CA ARG A 181 -9.11 4.22 -6.33
C ARG A 181 -9.67 3.03 -5.57
N ALA A 182 -9.60 3.06 -4.24
CA ALA A 182 -10.13 1.95 -3.44
C ALA A 182 -11.64 2.01 -3.31
N GLU A 183 -12.19 3.21 -3.06
CA GLU A 183 -13.64 3.34 -2.93
C GLU A 183 -14.36 3.02 -4.23
N PHE A 184 -13.73 3.31 -5.37
CA PHE A 184 -14.36 3.01 -6.65
C PHE A 184 -14.42 1.51 -6.88
N ALA A 185 -13.40 0.76 -6.43
CA ALA A 185 -13.41 -0.68 -6.61
C ALA A 185 -14.58 -1.33 -5.85
N LYS A 186 -14.82 -0.88 -4.61
CA LYS A 186 -15.97 -1.37 -3.86
C LYS A 186 -17.28 -0.95 -4.54
N HIS A 187 -17.35 0.30 -4.99
CA HIS A 187 -18.52 0.77 -5.71
C HIS A 187 -18.68 0.08 -7.05
N ARG A 188 -17.58 -0.29 -7.70
CA ARG A 188 -17.66 -0.90 -9.02
C ARG A 188 -18.26 -2.30 -8.96
N ARG A 189 -18.15 -2.97 -7.80
CA ARG A 189 -18.74 -4.29 -7.65
C ARG A 189 -20.25 -4.26 -7.86
N ASP A 190 -20.92 -3.24 -7.30
CA ASP A 190 -22.36 -3.13 -7.48
C ASP A 190 -22.74 -2.44 -8.78
N SER A 191 -21.90 -1.52 -9.26
CA SER A 191 -22.24 -0.76 -10.46
C SER A 191 -21.97 -1.53 -11.75
N VAL A 192 -21.10 -2.54 -11.72
CA VAL A 192 -20.90 -3.37 -12.90
C VAL A 192 -22.07 -4.31 -13.14
N ALA A 193 -22.89 -4.56 -12.12
CA ALA A 193 -24.10 -5.39 -12.21
C ALA A 193 -23.78 -6.81 -12.67
N MET A 194 -22.57 -7.30 -12.40
CA MET A 194 -22.25 -8.70 -12.63
C MET A 194 -22.86 -9.59 -11.56
N GLN A 195 -22.93 -9.11 -10.33
CA GLN A 195 -23.48 -9.92 -9.24
C GLN A 195 -24.92 -10.36 -9.47
N PRO A 196 -25.84 -9.52 -9.97
CA PRO A 196 -27.19 -10.04 -10.27
C PRO A 196 -27.18 -11.20 -11.25
N PHE A 197 -26.20 -11.25 -12.16
CA PHE A 197 -26.10 -12.37 -13.08
C PHE A 197 -25.37 -13.55 -12.47
N LEU A 198 -24.63 -13.34 -11.38
CA LEU A 198 -24.12 -14.48 -10.61
C LEU A 198 -25.25 -15.19 -9.89
N CYS A 199 -26.33 -14.48 -9.57
CA CYS A 199 -27.53 -15.12 -9.02
C CYS A 199 -28.26 -15.90 -10.09
N LEU A 200 -28.38 -15.32 -11.30
CA LEU A 200 -29.00 -16.02 -12.41
C LEU A 200 -28.26 -17.30 -12.76
N HIS A 201 -26.94 -17.33 -12.53
CA HIS A 201 -26.17 -18.55 -12.76
C HIS A 201 -26.71 -19.71 -11.95
N GLU A 202 -27.12 -19.45 -10.71
CA GLU A 202 -27.69 -20.50 -9.88
C GLU A 202 -28.92 -21.11 -10.52
N ILE A 203 -29.70 -20.29 -11.24
CA ILE A 203 -30.90 -20.80 -11.89
C ILE A 203 -30.53 -21.74 -13.03
N THR A 204 -29.68 -21.28 -13.96
CA THR A 204 -29.31 -22.09 -15.11
C THR A 204 -28.42 -23.27 -14.74
N ALA A 205 -27.69 -23.19 -13.63
CA ALA A 205 -26.84 -24.29 -13.19
C ALA A 205 -27.58 -25.33 -12.35
N GLY A 206 -28.84 -25.07 -12.00
CA GLY A 206 -29.59 -26.00 -11.18
C GLY A 206 -29.06 -26.18 -9.78
N ILE A 207 -28.52 -25.11 -9.19
CA ILE A 207 -27.96 -25.17 -7.85
C ILE A 207 -28.68 -24.15 -6.97
N ASP A 208 -28.44 -24.24 -5.67
CA ASP A 208 -28.96 -23.28 -4.70
C ASP A 208 -27.99 -23.23 -3.53
N LEU A 209 -27.41 -22.06 -3.28
CA LEU A 209 -26.40 -21.92 -2.25
C LEU A 209 -27.05 -21.53 -0.94
N PRO A 210 -26.83 -22.28 0.14
CA PRO A 210 -27.28 -21.83 1.46
C PRO A 210 -26.46 -20.64 1.93
N ASP A 211 -26.98 -19.96 2.94
CA ASP A 211 -26.27 -18.80 3.49
C ASP A 211 -24.94 -19.20 4.11
N SER A 212 -24.84 -20.43 4.63
CA SER A 212 -23.57 -20.93 5.13
C SER A 212 -22.52 -20.97 4.02
N ALA A 213 -22.91 -21.48 2.84
CA ALA A 213 -21.98 -21.51 1.72
C ALA A 213 -21.65 -20.12 1.23
N ARG A 214 -22.63 -19.21 1.24
CA ARG A 214 -22.38 -17.82 0.88
C ARG A 214 -21.46 -17.12 1.88
N SER A 215 -21.37 -17.63 3.11
CA SER A 215 -20.55 -17.03 4.14
C SER A 215 -19.12 -17.54 4.16
N LEU A 216 -18.80 -18.52 3.33
CA LEU A 216 -17.44 -19.05 3.29
C LEU A 216 -16.48 -17.97 2.81
N PRO A 217 -15.36 -17.74 3.50
CA PRO A 217 -14.45 -16.67 3.06
C PRO A 217 -13.92 -16.86 1.65
N ALA A 218 -13.67 -18.10 1.24
CA ALA A 218 -13.12 -18.35 -0.09
C ALA A 218 -14.17 -18.19 -1.18
N TYR A 219 -15.43 -18.51 -0.91
CA TYR A 219 -16.47 -18.26 -1.91
C TYR A 219 -16.70 -16.76 -2.09
N ILE A 220 -16.69 -16.01 -0.99
CA ILE A 220 -16.81 -14.55 -1.08
C ILE A 220 -15.68 -13.99 -1.92
N ALA A 221 -14.45 -14.46 -1.67
CA ALA A 221 -13.30 -14.00 -2.46
C ALA A 221 -13.44 -14.37 -3.92
N LEU A 222 -13.98 -15.57 -4.20
CA LEU A 222 -14.18 -15.98 -5.59
C LEU A 222 -15.26 -15.13 -6.25
N ARG A 223 -16.39 -14.94 -5.57
CA ARG A 223 -17.49 -14.16 -6.14
C ARG A 223 -17.07 -12.73 -6.39
N ASN A 224 -16.27 -12.15 -5.49
CA ASN A 224 -15.83 -10.77 -5.65
C ASN A 224 -14.80 -10.64 -6.77
N ALA A 225 -13.87 -11.58 -6.86
CA ALA A 225 -12.86 -11.52 -7.92
C ALA A 225 -13.48 -11.65 -9.30
N VAL A 226 -14.47 -12.53 -9.44
CA VAL A 226 -15.21 -12.62 -10.70
C VAL A 226 -15.89 -11.29 -11.02
N THR A 227 -16.37 -10.60 -9.99
CA THR A 227 -17.03 -9.31 -10.21
C THR A 227 -16.02 -8.21 -10.50
N ASP A 228 -14.89 -8.20 -9.78
CA ASP A 228 -13.86 -7.18 -10.00
C ASP A 228 -13.28 -7.30 -11.40
N HIS A 229 -13.00 -8.52 -11.85
CA HIS A 229 -12.41 -8.70 -13.18
C HIS A 229 -13.34 -8.18 -14.26
N SER A 230 -14.66 -8.39 -14.11
CA SER A 230 -15.60 -7.88 -15.08
C SER A 230 -15.63 -6.35 -15.08
N GLY A 231 -15.57 -5.74 -13.88
CA GLY A 231 -15.63 -4.29 -13.81
C GLY A 231 -14.39 -3.62 -14.38
N LEU A 232 -13.21 -4.14 -14.03
CA LEU A 232 -11.97 -3.52 -14.52
C LEU A 232 -11.79 -3.76 -16.02
N CYS A 233 -12.10 -4.98 -16.49
CA CYS A 233 -12.02 -5.26 -17.92
C CYS A 233 -12.97 -4.37 -18.71
N ASN A 234 -14.14 -4.05 -18.12
CA ASN A 234 -15.07 -3.13 -18.76
C ASN A 234 -14.46 -1.75 -18.92
N ASP A 235 -13.88 -1.23 -17.84
CA ASP A 235 -13.28 0.12 -17.87
C ASP A 235 -12.11 0.18 -18.84
N ILE A 236 -11.32 -0.90 -18.91
CA ILE A 236 -10.14 -0.89 -19.77
C ILE A 236 -10.56 -0.84 -21.24
N CYS A 237 -11.51 -1.68 -21.63
CA CYS A 237 -11.97 -1.74 -23.02
C CYS A 237 -12.96 -0.63 -23.36
N SER A 238 -13.12 0.36 -22.49
CA SER A 238 -13.98 1.51 -22.75
C SER A 238 -13.23 2.79 -22.38
N PHE A 239 -12.06 2.97 -23.00
CA PHE A 239 -11.19 4.11 -22.73
C PHE A 239 -10.82 4.22 -21.25
N GLU A 248 -18.41 9.86 -16.54
CA GLU A 248 -18.32 8.61 -15.79
C GLU A 248 -16.93 8.39 -15.21
N HIS A 249 -16.88 7.88 -13.99
CA HIS A 249 -15.61 7.53 -13.36
C HIS A 249 -15.11 6.21 -13.92
N ASN A 250 -13.86 6.19 -14.37
CA ASN A 250 -13.24 5.01 -14.95
C ASN A 250 -11.98 4.66 -14.15
N ALA A 251 -11.76 3.36 -13.96
CA ALA A 251 -10.62 2.92 -13.15
C ALA A 251 -9.30 3.32 -13.78
N VAL A 252 -9.23 3.32 -15.12
CA VAL A 252 -8.00 3.71 -15.80
C VAL A 252 -7.73 5.19 -15.60
N ARG A 253 -8.78 6.02 -15.66
CA ARG A 253 -8.60 7.45 -15.42
C ARG A 253 -8.19 7.71 -13.97
N LEU A 254 -8.77 6.96 -13.03
CA LEU A 254 -8.39 7.10 -11.63
C LEU A 254 -6.94 6.66 -11.40
N ILE A 255 -6.48 5.66 -12.14
CA ILE A 255 -5.06 5.31 -12.11
C ILE A 255 -4.23 6.44 -12.69
N GLN A 256 -4.69 7.03 -13.78
CA GLN A 256 -4.00 8.19 -14.36
C GLN A 256 -4.00 9.36 -13.39
N ARG A 257 -5.02 9.47 -12.55
CA ARG A 257 -5.08 10.57 -11.59
C ARG A 257 -4.19 10.30 -10.39
N ASP A 258 -4.24 9.09 -9.84
CA ASP A 258 -3.44 8.75 -8.66
C ASP A 258 -1.97 8.48 -9.00
N ARG A 259 -1.61 8.45 -10.27
CA ARG A 259 -0.22 8.24 -10.67
C ARG A 259 0.32 9.29 -11.63
N GLY A 260 -0.52 10.17 -12.15
CA GLY A 260 -0.05 11.23 -13.04
C GLY A 260 0.62 10.73 -14.30
N SER A 261 0.10 9.65 -14.87
CA SER A 261 0.72 9.01 -16.02
C SER A 261 0.04 9.44 -17.31
N THR A 262 0.54 8.93 -18.43
CA THR A 262 -0.13 9.09 -19.71
C THR A 262 -1.26 8.07 -19.82
N LEU A 263 -1.95 8.08 -20.96
CA LEU A 263 -3.06 7.14 -21.15
C LEU A 263 -2.55 5.73 -21.35
N GLN A 264 -1.47 5.56 -22.13
CA GLN A 264 -0.94 4.23 -22.37
C GLN A 264 -0.33 3.64 -21.10
N GLU A 265 0.31 4.47 -20.28
CA GLU A 265 0.87 3.98 -19.02
C GLU A 265 -0.23 3.56 -18.06
N ALA A 266 -1.36 4.28 -18.06
CA ALA A 266 -2.48 3.91 -17.21
C ALA A 266 -3.19 2.66 -17.72
N VAL A 267 -3.24 2.47 -19.04
CA VAL A 267 -3.89 1.30 -19.60
C VAL A 267 -3.08 0.03 -19.29
N ASP A 268 -1.76 0.09 -19.45
CA ASP A 268 -0.93 -1.06 -19.14
C ASP A 268 -0.92 -1.36 -17.64
N GLU A 269 -0.90 -0.30 -16.82
CA GLU A 269 -0.98 -0.51 -15.37
C GLU A 269 -2.33 -1.10 -14.99
N ALA A 270 -3.40 -0.66 -15.66
CA ALA A 270 -4.71 -1.26 -15.41
C ALA A 270 -4.73 -2.72 -15.82
N GLY A 271 -4.07 -3.06 -16.92
CA GLY A 271 -3.98 -4.46 -17.33
C GLY A 271 -3.20 -5.31 -16.34
N ILE A 272 -2.17 -4.73 -15.71
CA ILE A 272 -1.43 -5.46 -14.69
C ILE A 272 -2.31 -5.74 -13.49
N GLN A 273 -3.10 -4.74 -13.07
CA GLN A 273 -4.02 -4.93 -11.96
C GLN A 273 -5.08 -5.97 -12.29
N LEU A 274 -5.48 -6.07 -13.55
CA LEU A 274 -6.43 -7.11 -13.95
C LEU A 274 -5.78 -8.50 -13.85
N ALA A 275 -4.49 -8.59 -14.12
CA ALA A 275 -3.79 -9.87 -13.98
C ALA A 275 -3.82 -10.36 -12.53
N ARG A 276 -3.70 -9.42 -11.58
CA ARG A 276 -3.79 -9.79 -10.17
C ARG A 276 -5.18 -10.32 -9.83
N ILE A 277 -6.23 -9.70 -10.39
CA ILE A 277 -7.59 -10.17 -10.15
C ILE A 277 -7.77 -11.58 -10.68
N ALA A 278 -7.28 -11.84 -11.89
CA ALA A 278 -7.31 -13.19 -12.44
C ALA A 278 -6.54 -14.16 -11.56
N GLU A 279 -5.45 -13.70 -10.93
CA GLU A 279 -4.75 -14.54 -9.97
C GLU A 279 -5.58 -14.78 -8.71
N ARG A 280 -6.37 -13.79 -8.30
CA ARG A 280 -7.23 -13.96 -7.14
C ARG A 280 -8.31 -15.01 -7.39
N VAL A 281 -8.75 -15.15 -8.64
CA VAL A 281 -9.72 -16.20 -8.97
C VAL A 281 -9.10 -17.58 -8.75
N GLN A 282 -7.83 -17.75 -9.17
CA GLN A 282 -7.17 -19.04 -9.01
C GLN A 282 -6.93 -19.38 -7.55
N ARG A 283 -6.55 -18.40 -6.74
CA ARG A 283 -6.30 -18.66 -5.33
C ARG A 283 -7.59 -18.93 -4.57
N ALA A 284 -8.66 -18.23 -4.95
CA ALA A 284 -9.95 -18.43 -4.27
C ALA A 284 -10.51 -19.82 -4.55
N GLU A 285 -10.30 -20.34 -5.76
CA GLU A 285 -10.74 -21.69 -6.08
C GLU A 285 -10.03 -22.72 -5.20
N ARG A 286 -8.70 -22.62 -5.13
CA ARG A 286 -7.92 -23.54 -4.32
C ARG A 286 -8.36 -23.47 -2.86
N GLU A 287 -8.49 -22.25 -2.33
CA GLU A 287 -8.91 -22.10 -0.94
C GLU A 287 -10.36 -22.49 -0.72
N LEU A 288 -11.20 -22.47 -1.76
CA LEU A 288 -12.57 -22.94 -1.61
C LEU A 288 -12.64 -24.46 -1.55
N ILE A 289 -11.83 -25.14 -2.39
CA ILE A 289 -11.74 -26.60 -2.31
C ILE A 289 -11.22 -27.03 -0.96
N GLU A 290 -10.22 -26.31 -0.43
CA GLU A 290 -9.71 -26.61 0.89
C GLU A 290 -10.77 -26.41 1.96
N GLU A 291 -11.60 -25.37 1.80
CA GLU A 291 -12.65 -25.11 2.78
C GLU A 291 -13.79 -26.11 2.68
N ILE A 292 -14.01 -26.68 1.49
CA ILE A 292 -15.05 -27.71 1.35
C ILE A 292 -14.64 -28.98 2.07
N GLU A 293 -13.39 -29.42 1.86
CA GLU A 293 -12.93 -30.67 2.46
C GLU A 293 -12.72 -30.52 3.97
N ALA A 294 -12.16 -29.39 4.40
CA ALA A 294 -11.90 -29.19 5.82
C ALA A 294 -13.19 -29.09 6.61
N ALA A 295 -14.18 -28.36 6.09
CA ALA A 295 -15.45 -28.20 6.77
C ALA A 295 -16.38 -29.39 6.60
N GLY A 296 -15.96 -30.42 5.86
CA GLY A 296 -16.81 -31.57 5.65
C GLY A 296 -18.09 -31.26 4.90
N ILE A 297 -17.99 -30.41 3.89
CA ILE A 297 -19.16 -30.03 3.09
C ILE A 297 -19.46 -31.14 2.09
N ASP A 298 -20.71 -31.59 2.06
CA ASP A 298 -21.13 -32.66 1.16
C ASP A 298 -22.55 -32.38 0.68
N GLY A 299 -23.08 -33.27 -0.14
CA GLY A 299 -24.43 -33.17 -0.63
C GLY A 299 -24.60 -32.07 -1.66
N PRO A 300 -25.81 -31.51 -1.74
CA PRO A 300 -26.06 -30.44 -2.73
C PRO A 300 -25.19 -29.22 -2.52
N THR A 301 -24.89 -28.86 -1.27
CA THR A 301 -24.08 -27.68 -1.00
C THR A 301 -22.68 -27.83 -1.62
N ARG A 302 -22.07 -29.00 -1.46
CA ARG A 302 -20.78 -29.24 -2.11
C ARG A 302 -20.92 -29.22 -3.62
N THR A 303 -22.04 -29.76 -4.15
CA THR A 303 -22.26 -29.74 -5.59
C THR A 303 -22.45 -28.32 -6.11
N ALA A 304 -23.13 -27.47 -5.33
CA ALA A 304 -23.32 -26.09 -5.74
C ALA A 304 -22.02 -25.30 -5.71
N LEU A 305 -21.20 -25.53 -4.68
CA LEU A 305 -19.93 -24.82 -4.58
C LEU A 305 -18.94 -25.31 -5.63
N GLU A 306 -18.91 -26.62 -5.88
CA GLU A 306 -18.03 -27.16 -6.91
C GLU A 306 -18.47 -26.71 -8.30
N ARG A 307 -19.77 -26.47 -8.49
CA ARG A 307 -20.23 -25.93 -9.77
C ARG A 307 -19.71 -24.52 -9.99
N CYS A 308 -19.68 -23.70 -8.93
CA CYS A 308 -19.15 -22.34 -9.06
C CYS A 308 -17.66 -22.36 -9.31
N VAL A 309 -16.93 -23.28 -8.66
CA VAL A 309 -15.49 -23.40 -8.90
C VAL A 309 -15.23 -23.68 -10.37
N ARG A 310 -16.05 -24.53 -10.98
CA ARG A 310 -15.83 -24.91 -12.38
C ARG A 310 -16.35 -23.86 -13.36
N ASP A 311 -17.42 -23.16 -13.00
CA ASP A 311 -18.09 -22.26 -13.95
C ASP A 311 -17.57 -20.82 -13.90
N TYR A 312 -17.14 -20.34 -12.72
CA TYR A 312 -16.78 -18.93 -12.61
C TYR A 312 -15.59 -18.57 -13.47
N ARG A 313 -14.71 -19.52 -13.77
CA ARG A 313 -13.63 -19.29 -14.73
C ARG A 313 -14.20 -18.89 -16.08
N GLY A 314 -15.11 -19.70 -16.62
CA GLY A 314 -15.68 -19.42 -17.92
C GLY A 314 -16.47 -18.13 -17.95
N LEU A 315 -17.04 -17.73 -16.81
CA LEU A 315 -17.72 -16.44 -16.73
C LEU A 315 -16.74 -15.30 -16.90
N VAL A 316 -15.61 -15.36 -16.19
CA VAL A 316 -14.56 -14.36 -16.36
C VAL A 316 -14.06 -14.34 -17.80
N ARG A 317 -13.78 -15.52 -18.34
CA ARG A 317 -13.31 -15.60 -19.72
C ARG A 317 -14.37 -15.12 -20.70
N GLY A 318 -15.63 -15.52 -20.48
CA GLY A 318 -16.70 -15.08 -21.36
C GLY A 318 -16.90 -13.58 -21.34
N ASP A 319 -16.86 -12.98 -20.15
CA ASP A 319 -16.92 -11.53 -20.06
C ASP A 319 -15.70 -10.88 -20.72
N PHE A 320 -14.53 -11.51 -20.59
CA PHE A 320 -13.32 -10.97 -21.19
C PHE A 320 -13.39 -11.00 -22.70
N ASP A 321 -13.86 -12.11 -23.28
CA ASP A 321 -13.99 -12.19 -24.74
C ASP A 321 -15.02 -11.20 -25.27
N TYR A 322 -15.95 -10.74 -24.43
CA TYR A 322 -16.90 -9.74 -24.89
C TYR A 322 -16.26 -8.36 -24.99
N HIS A 323 -15.60 -7.93 -23.92
CA HIS A 323 -15.01 -6.59 -23.92
C HIS A 323 -13.80 -6.51 -24.84
N ALA A 324 -12.97 -7.56 -24.86
CA ALA A 324 -11.72 -7.46 -25.60
C ALA A 324 -11.88 -7.79 -27.07
N ARG A 325 -12.72 -8.78 -27.39
CA ARG A 325 -12.92 -9.18 -28.78
C ARG A 325 -14.12 -8.44 -29.36
N ILE B 18 2.84 -4.86 28.46
CA ILE B 18 2.82 -3.81 27.45
C ILE B 18 2.16 -2.56 28.02
N THR B 19 2.34 -1.44 27.31
CA THR B 19 1.72 -0.17 27.68
C THR B 19 0.83 0.29 26.55
N LEU B 20 -0.44 0.56 26.87
CA LEU B 20 -1.38 1.02 25.85
C LEU B 20 -0.91 2.36 25.29
N PRO B 21 -1.09 2.60 23.99
CA PRO B 21 -0.62 3.85 23.39
C PRO B 21 -1.52 5.02 23.76
N ALA B 22 -1.01 6.22 23.53
CA ALA B 22 -1.79 7.44 23.73
C ALA B 22 -2.84 7.52 22.62
N PHE B 23 -4.04 7.05 22.93
CA PHE B 23 -5.10 6.97 21.92
C PHE B 23 -5.51 8.37 21.46
N HIS B 24 -5.89 8.45 20.19
CA HIS B 24 -6.42 9.68 19.61
C HIS B 24 -7.94 9.63 19.68
N MET B 25 -8.52 10.47 20.54
CA MET B 25 -9.97 10.48 20.76
C MET B 25 -10.46 11.92 20.71
N PRO B 26 -10.79 12.43 19.53
CA PRO B 26 -11.28 13.81 19.42
C PRO B 26 -12.80 13.90 19.55
N PHE B 27 -13.43 12.86 20.08
CA PHE B 27 -14.88 12.78 20.19
C PHE B 27 -15.28 12.92 21.65
N GLN B 28 -16.11 13.91 21.94
CA GLN B 28 -16.60 14.12 23.29
C GLN B 28 -17.55 13.00 23.70
N SER B 29 -17.76 12.89 25.01
CA SER B 29 -18.62 11.85 25.57
C SER B 29 -20.06 12.35 25.63
N ALA B 30 -20.99 11.53 25.12
CA ALA B 30 -22.40 11.80 25.27
C ALA B 30 -22.94 11.42 26.64
N GLY B 31 -22.09 10.87 27.51
CA GLY B 31 -22.48 10.53 28.87
C GLY B 31 -22.79 9.06 29.03
N CYS B 32 -23.06 8.69 30.27
CA CYS B 32 -23.47 7.33 30.63
C CYS B 32 -24.91 7.36 31.14
N HIS B 33 -25.68 6.37 30.72
CA HIS B 33 -27.10 6.35 31.05
C HIS B 33 -27.29 6.19 32.56
N PRO B 34 -28.13 7.01 33.19
CA PRO B 34 -28.32 6.87 34.65
C PRO B 34 -29.00 5.58 35.06
N GLY B 35 -29.73 4.92 34.16
CA GLY B 35 -30.39 3.68 34.48
C GLY B 35 -29.53 2.46 34.26
N LEU B 36 -28.21 2.61 34.45
CA LEU B 36 -27.30 1.49 34.26
C LEU B 36 -27.60 0.36 35.24
N ALA B 37 -27.69 0.68 36.53
CA ALA B 37 -27.99 -0.34 37.53
C ALA B 37 -29.37 -0.94 37.30
N GLU B 38 -30.34 -0.11 36.90
CA GLU B 38 -31.68 -0.62 36.64
C GLU B 38 -31.72 -1.51 35.40
N THR B 39 -30.91 -1.19 34.39
CA THR B 39 -30.87 -2.04 33.21
C THR B 39 -30.12 -3.34 33.44
N ARG B 40 -29.27 -3.40 34.48
CA ARG B 40 -28.64 -4.66 34.85
C ARG B 40 -29.62 -5.55 35.60
N GLU B 41 -30.43 -4.98 36.48
CA GLU B 41 -31.47 -5.75 37.16
C GLU B 41 -32.43 -6.37 36.17
N ALA B 42 -32.92 -5.57 35.22
CA ALA B 42 -33.86 -6.09 34.22
C ALA B 42 -33.19 -7.12 33.32
N ALA B 43 -31.90 -6.97 33.04
CA ALA B 43 -31.21 -7.92 32.18
C ALA B 43 -31.16 -9.31 32.82
N TRP B 44 -30.73 -9.39 34.08
CA TRP B 44 -30.67 -10.68 34.76
C TRP B 44 -32.06 -11.16 35.15
N GLU B 45 -32.99 -10.25 35.43
CA GLU B 45 -34.38 -10.67 35.66
C GLU B 45 -34.98 -11.25 34.40
N TRP B 46 -34.69 -10.65 33.24
CA TRP B 46 -35.18 -11.19 31.97
C TRP B 46 -34.52 -12.53 31.67
N ALA B 47 -33.23 -12.66 31.97
CA ALA B 47 -32.55 -13.94 31.74
C ALA B 47 -33.14 -15.04 32.61
N ALA B 48 -33.59 -14.71 33.82
CA ALA B 48 -34.20 -15.72 34.68
C ALA B 48 -35.60 -16.07 34.21
N ALA B 49 -36.34 -15.09 33.68
CA ALA B 49 -37.71 -15.34 33.24
C ALA B 49 -37.75 -16.14 31.94
N GLU B 50 -36.70 -16.04 31.11
CA GLU B 50 -36.64 -16.77 29.86
C GLU B 50 -36.11 -18.19 30.01
N GLY B 51 -35.53 -18.53 31.15
CA GLY B 51 -34.96 -19.84 31.37
C GLY B 51 -33.48 -19.95 31.12
N LEU B 52 -32.82 -18.84 30.77
CA LEU B 52 -31.38 -18.83 30.53
C LEU B 52 -30.66 -19.11 31.85
N ASP B 53 -30.29 -20.38 32.05
CA ASP B 53 -29.54 -20.79 33.24
C ASP B 53 -28.06 -20.80 32.90
N LEU B 54 -27.34 -19.81 33.38
CA LEU B 54 -25.91 -19.66 33.09
C LEU B 54 -25.08 -20.47 34.07
N SER B 55 -23.98 -21.03 33.57
CA SER B 55 -23.00 -21.65 34.45
C SER B 55 -22.24 -20.58 35.22
N VAL B 56 -21.49 -21.01 36.23
CA VAL B 56 -20.72 -20.06 37.04
C VAL B 56 -19.66 -19.35 36.22
N PRO B 57 -18.87 -20.00 35.36
CA PRO B 57 -17.98 -19.23 34.48
C PRO B 57 -18.73 -18.33 33.52
N ALA B 58 -19.94 -18.72 33.10
CA ALA B 58 -20.75 -17.85 32.26
C ALA B 58 -21.23 -16.64 33.07
N ARG B 59 -21.73 -16.88 34.28
CA ARG B 59 -22.11 -15.77 35.16
C ARG B 59 -20.90 -14.91 35.50
N ARG B 60 -19.76 -15.54 35.80
CA ARG B 60 -18.56 -14.79 36.11
C ARG B 60 -18.10 -13.95 34.91
N LYS B 61 -18.20 -14.51 33.71
CA LYS B 61 -17.78 -13.79 32.51
C LYS B 61 -18.74 -12.64 32.19
N MET B 62 -20.05 -12.87 32.36
CA MET B 62 -21.02 -11.83 32.05
C MET B 62 -20.87 -10.64 32.98
N ILE B 63 -20.61 -10.90 34.27
CA ILE B 63 -20.46 -9.82 35.23
C ILE B 63 -19.21 -9.01 34.94
N ARG B 64 -18.10 -9.68 34.60
CA ARG B 64 -16.87 -8.96 34.29
C ARG B 64 -16.99 -8.17 32.99
N THR B 65 -17.77 -8.68 32.03
CA THR B 65 -17.93 -8.00 30.75
C THR B 65 -18.81 -6.76 30.87
N ARG B 66 -19.76 -6.77 31.80
CA ARG B 66 -20.63 -5.64 32.10
C ARG B 66 -21.39 -5.18 30.85
N PRO B 67 -22.40 -5.93 30.41
CA PRO B 67 -23.21 -5.46 29.27
C PRO B 67 -23.99 -4.21 29.59
N GLU B 68 -24.36 -4.01 30.86
CA GLU B 68 -25.08 -2.80 31.26
C GLU B 68 -24.21 -1.56 31.07
N LEU B 69 -22.89 -1.71 31.13
CA LEU B 69 -22.01 -0.56 30.96
C LEU B 69 -21.90 -0.15 29.49
N TRP B 70 -21.65 -1.12 28.61
CA TRP B 70 -21.52 -0.80 27.19
C TRP B 70 -22.82 -0.25 26.62
N ILE B 71 -23.95 -0.81 27.05
CA ILE B 71 -25.23 -0.35 26.52
C ILE B 71 -25.60 1.02 27.07
N SER B 72 -25.07 1.38 28.25
CA SER B 72 -25.31 2.70 28.80
C SER B 72 -24.39 3.75 28.20
N LEU B 73 -23.23 3.34 27.70
CA LEU B 73 -22.34 4.26 27.00
C LEU B 73 -22.75 4.44 25.54
N ILE B 74 -23.43 3.46 24.97
CA ILE B 74 -23.85 3.53 23.57
C ILE B 74 -25.20 4.23 23.42
N PHE B 75 -26.13 3.99 24.35
CA PHE B 75 -27.46 4.61 24.32
C PHE B 75 -27.69 5.36 25.63
N PRO B 76 -26.99 6.47 25.85
CA PRO B 76 -27.11 7.16 27.14
C PRO B 76 -28.38 7.96 27.29
N GLN B 77 -29.17 8.15 26.23
CA GLN B 77 -30.37 8.97 26.27
C GLN B 77 -31.63 8.18 25.97
N ALA B 78 -31.54 6.85 25.84
CA ALA B 78 -32.70 6.05 25.51
C ALA B 78 -33.66 5.98 26.70
N THR B 79 -34.91 5.64 26.40
CA THR B 79 -35.87 5.36 27.44
C THR B 79 -35.47 4.10 28.19
N GLN B 80 -35.96 3.99 29.43
CA GLN B 80 -35.63 2.81 30.24
C GLN B 80 -36.18 1.54 29.58
N ALA B 81 -37.23 1.66 28.77
CA ALA B 81 -37.75 0.51 28.07
C ALA B 81 -36.82 0.09 26.93
N HIS B 82 -36.30 1.06 26.18
CA HIS B 82 -35.39 0.73 25.08
C HIS B 82 -34.03 0.24 25.60
N LEU B 83 -33.54 0.85 26.69
CA LEU B 83 -32.24 0.45 27.22
C LEU B 83 -32.26 -0.99 27.71
N ASP B 84 -33.35 -1.39 28.38
CA ASP B 84 -33.45 -2.77 28.85
C ASP B 84 -33.55 -3.74 27.68
N LEU B 85 -34.35 -3.40 26.66
CA LEU B 85 -34.46 -4.27 25.48
C LEU B 85 -33.11 -4.43 24.80
N PHE B 86 -32.39 -3.32 24.58
CA PHE B 86 -31.10 -3.38 23.92
C PHE B 86 -30.08 -4.14 24.77
N CYS B 87 -30.09 -3.92 26.08
CA CYS B 87 -29.20 -4.64 26.96
C CYS B 87 -29.49 -6.13 26.94
N GLN B 88 -30.77 -6.50 26.83
CA GLN B 88 -31.14 -7.91 26.71
C GLN B 88 -30.67 -8.49 25.38
N TRP B 89 -30.67 -7.68 24.32
CA TRP B 89 -30.04 -8.11 23.07
C TRP B 89 -28.56 -8.37 23.28
N LEU B 90 -27.87 -7.46 23.97
CA LEU B 90 -26.44 -7.65 24.23
C LEU B 90 -26.20 -8.80 25.19
N PHE B 91 -27.08 -8.99 26.17
CA PHE B 91 -26.97 -10.14 27.06
C PHE B 91 -27.10 -11.44 26.28
N TRP B 92 -28.07 -11.51 25.36
CA TRP B 92 -28.24 -12.70 24.54
C TRP B 92 -27.07 -12.89 23.58
N ALA B 93 -26.56 -11.79 23.03
CA ALA B 93 -25.42 -11.88 22.11
C ALA B 93 -24.16 -12.37 22.80
N PHE B 94 -23.98 -12.02 24.08
CA PHE B 94 -22.81 -12.49 24.81
C PHE B 94 -22.90 -13.99 25.08
N LEU B 95 -24.10 -14.48 25.37
CA LEU B 95 -24.27 -15.92 25.58
C LEU B 95 -24.03 -16.71 24.31
N VAL B 96 -24.40 -16.15 23.15
CA VAL B 96 -24.10 -16.80 21.89
C VAL B 96 -22.59 -16.85 21.65
N ASP B 97 -21.91 -15.72 21.87
CA ASP B 97 -20.48 -15.66 21.63
C ASP B 97 -19.72 -16.59 22.56
N ASP B 98 -20.16 -16.69 23.83
CA ASP B 98 -19.50 -17.57 24.78
C ASP B 98 -19.66 -19.04 24.40
N GLU B 99 -20.66 -19.37 23.57
CA GLU B 99 -20.86 -20.76 23.17
C GLU B 99 -19.89 -21.18 22.07
N PHE B 100 -19.60 -20.30 21.12
CA PHE B 100 -18.74 -20.62 20.00
C PHE B 100 -17.27 -20.33 20.27
N ASP B 101 -16.95 -19.64 21.37
CA ASP B 101 -15.57 -19.44 21.79
C ASP B 101 -15.21 -20.28 23.01
N ASP B 102 -16.10 -21.19 23.42
CA ASP B 102 -15.89 -22.05 24.58
C ASP B 102 -15.58 -21.26 25.85
N GLY B 106 -17.72 -27.57 19.27
CA GLY B 106 -17.72 -26.12 19.26
C GLY B 106 -17.17 -25.52 17.98
N ARG B 107 -15.85 -25.63 17.80
CA ARG B 107 -15.19 -25.09 16.62
C ARG B 107 -15.30 -26.00 15.40
N ASP B 108 -16.00 -27.12 15.52
CA ASP B 108 -16.23 -27.98 14.36
C ASP B 108 -17.13 -27.28 13.36
N PRO B 109 -16.75 -27.16 12.09
CA PRO B 109 -17.60 -26.44 11.13
C PRO B 109 -18.98 -27.05 10.97
N LEU B 110 -19.10 -28.38 11.02
CA LEU B 110 -20.40 -29.02 10.88
C LEU B 110 -21.30 -28.67 12.06
N MET B 111 -20.78 -28.84 13.29
CA MET B 111 -21.55 -28.47 14.47
C MET B 111 -21.85 -26.98 14.49
N CYS B 112 -20.89 -26.15 14.05
CA CYS B 112 -21.10 -24.71 14.04
C CYS B 112 -22.14 -24.31 13.00
N GLU B 113 -22.14 -24.99 11.84
CA GLU B 113 -23.11 -24.66 10.80
C GLU B 113 -24.53 -25.01 11.23
N ARG B 114 -24.72 -26.19 11.83
CA ARG B 114 -26.05 -26.58 12.28
C ARG B 114 -26.58 -25.65 13.37
N ALA B 115 -25.69 -25.13 14.21
CA ALA B 115 -26.13 -24.26 15.31
C ALA B 115 -26.51 -22.88 14.79
N ILE B 116 -25.72 -22.32 13.88
CA ILE B 116 -26.02 -20.99 13.35
C ILE B 116 -27.29 -21.03 12.50
N ALA B 117 -27.40 -22.00 11.61
CA ALA B 117 -28.59 -22.15 10.78
C ALA B 117 -29.84 -22.32 11.64
N ARG B 118 -29.70 -23.02 12.78
CA ARG B 118 -30.83 -23.15 13.70
C ARG B 118 -31.19 -21.81 14.32
N LEU B 119 -30.17 -21.00 14.65
CA LEU B 119 -30.44 -19.68 15.22
C LEU B 119 -31.11 -18.76 14.20
N VAL B 120 -30.58 -18.71 12.98
CA VAL B 120 -31.14 -17.84 11.96
C VAL B 120 -32.54 -18.29 11.57
N ASP B 121 -32.78 -19.61 11.54
CA ASP B 121 -34.11 -20.11 11.23
C ASP B 121 -35.10 -19.74 12.32
N VAL B 122 -34.71 -19.84 13.58
CA VAL B 122 -35.58 -19.43 14.68
C VAL B 122 -35.92 -17.96 14.57
N PHE B 123 -34.93 -17.12 14.27
CA PHE B 123 -35.20 -15.70 14.05
C PHE B 123 -36.15 -15.49 12.89
N ASP B 124 -36.08 -16.35 11.87
CA ASP B 124 -36.95 -16.21 10.70
C ASP B 124 -38.35 -16.79 10.91
N GLY B 125 -38.60 -17.46 12.04
CA GLY B 125 -39.94 -17.92 12.33
C GLY B 125 -40.05 -19.37 12.74
N ALA B 126 -38.92 -20.08 12.80
CA ALA B 126 -38.96 -21.48 13.23
C ALA B 126 -39.43 -21.57 14.67
N ALA B 127 -40.09 -22.68 14.99
CA ALA B 127 -40.68 -22.88 16.31
C ALA B 127 -39.57 -22.91 17.37
N PRO B 128 -39.59 -22.01 18.36
CA PRO B 128 -38.54 -22.04 19.38
C PRO B 128 -38.65 -23.29 20.24
N ASN B 129 -37.51 -23.67 20.83
CA ASN B 129 -37.45 -24.81 21.72
C ASN B 129 -36.75 -24.45 23.03
N GLY B 130 -35.42 -24.37 22.99
CA GLY B 130 -34.64 -24.11 24.16
C GLY B 130 -34.80 -22.68 24.64
N PRO B 131 -34.10 -22.35 25.74
CA PRO B 131 -34.19 -20.98 26.27
C PRO B 131 -33.64 -19.93 25.34
N MET B 132 -32.50 -20.20 24.70
CA MET B 132 -31.91 -19.23 23.78
C MET B 132 -32.81 -18.99 22.57
N GLU B 133 -33.52 -20.02 22.11
CA GLU B 133 -34.42 -19.85 20.97
C GLU B 133 -35.68 -19.10 21.38
N ARG B 134 -36.22 -19.40 22.57
CA ARG B 134 -37.38 -18.67 23.04
C ARG B 134 -37.05 -17.22 23.35
N ALA B 135 -35.85 -16.97 23.91
CA ALA B 135 -35.44 -15.61 24.19
C ALA B 135 -35.25 -14.80 22.92
N LEU B 136 -34.72 -15.44 21.87
CA LEU B 136 -34.49 -14.73 20.62
C LEU B 136 -35.80 -14.29 19.97
N ALA B 137 -36.82 -15.16 20.00
CA ALA B 137 -38.10 -14.81 19.41
C ALA B 137 -38.75 -13.65 20.15
N GLY B 138 -38.76 -13.72 21.48
CA GLY B 138 -39.32 -12.62 22.26
C GLY B 138 -38.57 -11.31 22.07
N LEU B 139 -37.25 -11.37 21.97
CA LEU B 139 -36.47 -10.19 21.65
C LEU B 139 -36.82 -9.66 20.27
N ARG B 140 -37.07 -10.56 19.32
CA ARG B 140 -37.40 -10.15 17.96
C ARG B 140 -38.79 -9.52 17.89
N ASP B 141 -39.76 -10.08 18.61
CA ASP B 141 -41.12 -9.54 18.57
C ASP B 141 -41.18 -8.14 19.16
N ARG B 142 -40.42 -7.90 20.22
CA ARG B 142 -40.39 -6.59 20.85
C ARG B 142 -39.60 -5.56 20.05
N THR B 143 -38.73 -5.99 19.15
CA THR B 143 -37.85 -5.10 18.40
C THR B 143 -38.32 -4.83 16.99
N CYS B 144 -38.75 -5.87 16.27
CA CYS B 144 -38.96 -5.77 14.83
C CYS B 144 -40.39 -5.38 14.45
N ARG B 145 -41.36 -5.58 15.32
CA ARG B 145 -42.74 -5.24 15.00
C ARG B 145 -42.90 -3.72 14.92
N GLY B 146 -43.44 -3.25 13.79
CA GLY B 146 -43.65 -1.84 13.56
C GLY B 146 -42.57 -1.17 12.72
N ARG B 147 -41.37 -1.76 12.67
CA ARG B 147 -40.28 -1.17 11.90
C ARG B 147 -40.51 -1.35 10.40
N SER B 148 -39.85 -0.51 9.62
CA SER B 148 -40.02 -0.52 8.18
C SER B 148 -39.38 -1.76 7.57
N PRO B 149 -39.79 -2.14 6.36
CA PRO B 149 -39.16 -3.30 5.71
C PRO B 149 -37.67 -3.13 5.46
N GLN B 150 -37.24 -1.91 5.08
CA GLN B 150 -35.81 -1.70 4.86
C GLN B 150 -35.02 -1.79 6.16
N TRP B 151 -35.61 -1.37 7.28
CA TRP B 151 -34.92 -1.53 8.56
C TRP B 151 -34.82 -3.00 8.94
N ASN B 152 -35.93 -3.73 8.84
CA ASN B 152 -35.88 -5.16 9.11
C ASN B 152 -34.98 -5.88 8.13
N ARG B 153 -34.88 -5.38 6.89
CA ARG B 153 -33.93 -5.94 5.94
C ARG B 153 -32.49 -5.66 6.36
N GLN B 154 -32.25 -4.47 6.93
CA GLN B 154 -30.92 -4.13 7.39
C GLN B 154 -30.59 -4.84 8.71
N PHE B 155 -31.57 -4.96 9.60
CA PHE B 155 -31.33 -5.59 10.89
C PHE B 155 -31.04 -7.07 10.74
N ARG B 156 -31.79 -7.76 9.87
CA ARG B 156 -31.51 -9.17 9.62
C ARG B 156 -30.16 -9.34 8.92
N ARG B 157 -29.84 -8.43 8.00
CA ARG B 157 -28.54 -8.48 7.32
C ARG B 157 -27.39 -8.43 8.32
N ASP B 158 -27.41 -7.44 9.22
CA ASP B 158 -26.31 -7.28 10.16
C ASP B 158 -26.30 -8.37 11.22
N THR B 159 -27.47 -8.86 11.63
CA THR B 159 -27.51 -9.92 12.63
C THR B 159 -27.05 -11.24 12.04
N ALA B 160 -27.56 -11.60 10.86
CA ALA B 160 -27.15 -12.85 10.23
C ALA B 160 -25.68 -12.82 9.83
N ALA B 161 -25.18 -11.65 9.41
CA ALA B 161 -23.76 -11.54 9.07
C ALA B 161 -22.88 -11.76 10.29
N TRP B 162 -23.32 -11.29 11.45
CA TRP B 162 -22.57 -11.52 12.69
C TRP B 162 -22.55 -13.01 13.02
N LEU B 163 -23.72 -13.65 12.97
CA LEU B 163 -23.81 -15.07 13.33
C LEU B 163 -22.95 -15.94 12.42
N TRP B 164 -22.99 -15.68 11.12
CA TRP B 164 -22.24 -16.51 10.18
C TRP B 164 -20.74 -16.27 10.22
N THR B 165 -20.25 -15.30 11.00
CA THR B 165 -18.81 -15.13 11.14
C THR B 165 -18.20 -16.24 11.97
N TYR B 166 -18.95 -16.80 12.91
CA TYR B 166 -18.46 -17.95 13.67
C TYR B 166 -18.21 -19.14 12.76
N TYR B 167 -19.11 -19.38 11.80
CA TYR B 167 -18.91 -20.46 10.84
C TYR B 167 -17.73 -20.16 9.93
N ALA B 168 -17.60 -18.92 9.46
CA ALA B 168 -16.48 -18.57 8.59
C ALA B 168 -15.15 -18.72 9.32
N GLU B 169 -15.11 -18.35 10.60
CA GLU B 169 -13.88 -18.53 11.38
C GLU B 169 -13.60 -20.02 11.59
N ALA B 170 -14.64 -20.82 11.81
CA ALA B 170 -14.45 -22.25 12.03
C ALA B 170 -13.88 -22.93 10.79
N VAL B 171 -14.46 -22.65 9.63
CA VAL B 171 -13.99 -23.26 8.39
C VAL B 171 -12.58 -22.81 8.06
N GLU B 172 -12.27 -21.53 8.32
CA GLU B 172 -10.95 -21.00 8.00
C GLU B 172 -9.87 -21.66 8.85
N ARG B 173 -10.16 -21.92 10.12
CA ARG B 173 -9.18 -22.59 10.97
C ARG B 173 -9.01 -24.06 10.60
N ALA B 174 -10.12 -24.73 10.25
CA ALA B 174 -10.03 -26.13 9.86
C ALA B 174 -9.22 -26.29 8.58
N ALA B 175 -9.30 -25.32 7.67
CA ALA B 175 -8.57 -25.37 6.41
C ALA B 175 -7.12 -24.93 6.55
N GLY B 176 -6.67 -24.57 7.74
CA GLY B 176 -5.31 -24.10 7.91
C GLY B 176 -5.04 -22.78 7.24
N GLN B 177 -6.07 -21.95 7.08
CA GLN B 177 -5.95 -20.65 6.44
C GLN B 177 -5.99 -19.55 7.49
N VAL B 178 -5.25 -18.47 7.21
CA VAL B 178 -5.22 -17.32 8.11
C VAL B 178 -5.70 -16.10 7.33
N PRO B 179 -6.34 -15.13 7.98
CA PRO B 179 -6.79 -13.94 7.26
C PRO B 179 -5.67 -12.92 7.11
N SER B 180 -5.63 -12.29 5.94
CA SER B 180 -4.76 -11.13 5.79
C SER B 180 -5.32 -9.97 6.61
N ARG B 181 -4.47 -8.98 6.85
CA ARG B 181 -4.90 -7.82 7.63
C ARG B 181 -6.10 -7.12 6.98
N ALA B 182 -6.19 -7.17 5.66
CA ALA B 182 -7.36 -6.60 4.98
C ALA B 182 -8.55 -7.53 5.05
N GLU B 183 -8.33 -8.84 4.91
CA GLU B 183 -9.44 -9.79 4.99
C GLU B 183 -10.04 -9.83 6.39
N PHE B 184 -9.23 -9.54 7.41
CA PHE B 184 -9.72 -9.61 8.79
C PHE B 184 -10.52 -8.37 9.17
N ALA B 185 -10.06 -7.19 8.77
CA ALA B 185 -10.80 -5.96 9.06
C ALA B 185 -12.17 -5.98 8.38
N LYS B 186 -12.25 -6.52 7.17
CA LYS B 186 -13.54 -6.74 6.54
C LYS B 186 -14.36 -7.76 7.31
N HIS B 187 -13.71 -8.82 7.80
CA HIS B 187 -14.41 -9.83 8.60
C HIS B 187 -14.78 -9.29 9.97
N ARG B 188 -13.96 -8.40 10.54
CA ARG B 188 -14.22 -7.88 11.88
C ARG B 188 -15.45 -6.97 11.91
N ARG B 189 -15.87 -6.44 10.77
CA ARG B 189 -17.05 -5.57 10.76
C ARG B 189 -18.29 -6.31 11.22
N ASP B 190 -18.45 -7.56 10.79
CA ASP B 190 -19.59 -8.36 11.20
C ASP B 190 -19.35 -9.11 12.50
N SER B 191 -18.11 -9.52 12.77
CA SER B 191 -17.83 -10.28 13.98
C SER B 191 -17.83 -9.41 15.23
N VAL B 192 -17.63 -8.10 15.09
CA VAL B 192 -17.71 -7.21 16.25
C VAL B 192 -19.16 -7.03 16.70
N ALA B 193 -20.12 -7.29 15.80
CA ALA B 193 -21.55 -7.18 16.08
C ALA B 193 -21.94 -5.79 16.59
N MET B 194 -21.24 -4.76 16.10
CA MET B 194 -21.62 -3.39 16.40
C MET B 194 -22.73 -2.90 15.47
N GLN B 195 -22.74 -3.37 14.22
CA GLN B 195 -23.73 -2.91 13.26
C GLN B 195 -25.17 -3.25 13.63
N PRO B 196 -25.49 -4.43 14.19
CA PRO B 196 -26.87 -4.63 14.65
C PRO B 196 -27.31 -3.63 15.70
N PHE B 197 -26.37 -3.06 16.45
CA PHE B 197 -26.70 -2.02 17.41
C PHE B 197 -26.79 -0.64 16.78
N LEU B 198 -26.23 -0.46 15.58
CA LEU B 198 -26.49 0.75 14.82
C LEU B 198 -27.92 0.75 14.29
N CYS B 199 -28.48 -0.43 14.04
CA CYS B 199 -29.89 -0.53 13.70
C CYS B 199 -30.78 -0.21 14.89
N LEU B 200 -30.41 -0.70 16.08
CA LEU B 200 -31.16 -0.38 17.28
C LEU B 200 -31.08 1.11 17.61
N HIS B 201 -30.02 1.78 17.16
CA HIS B 201 -29.92 3.22 17.38
C HIS B 201 -31.05 3.96 16.69
N GLU B 202 -31.48 3.48 15.52
CA GLU B 202 -32.59 4.12 14.82
C GLU B 202 -33.87 4.09 15.64
N ILE B 203 -34.06 3.05 16.45
CA ILE B 203 -35.28 2.92 17.25
C ILE B 203 -35.31 3.98 18.34
N THR B 204 -34.27 4.02 19.18
CA THR B 204 -34.25 4.99 20.28
C THR B 204 -34.10 6.42 19.79
N ALA B 205 -33.54 6.63 18.60
CA ALA B 205 -33.46 7.96 18.02
C ALA B 205 -34.76 8.38 17.34
N GLY B 206 -35.71 7.47 17.18
CA GLY B 206 -36.97 7.80 16.55
C GLY B 206 -36.84 8.13 15.07
N ILE B 207 -35.97 7.42 14.36
CA ILE B 207 -35.73 7.66 12.95
C ILE B 207 -35.92 6.36 12.18
N ASP B 208 -35.89 6.46 10.85
CA ASP B 208 -35.97 5.28 10.00
C ASP B 208 -35.43 5.70 8.62
N LEU B 209 -34.19 5.31 8.34
CA LEU B 209 -33.53 5.70 7.10
C LEU B 209 -34.06 4.89 5.94
N PRO B 210 -34.46 5.54 4.84
CA PRO B 210 -34.83 4.79 3.63
C PRO B 210 -33.59 4.29 2.90
N ASP B 211 -33.83 3.37 1.95
CA ASP B 211 -32.73 2.75 1.23
C ASP B 211 -31.92 3.75 0.42
N SER B 212 -32.52 4.87 0.04
CA SER B 212 -31.75 5.92 -0.64
C SER B 212 -30.71 6.52 0.29
N ALA B 213 -31.07 6.75 1.55
CA ALA B 213 -30.12 7.30 2.51
C ALA B 213 -29.06 6.28 2.88
N ARG B 214 -29.44 5.02 3.03
CA ARG B 214 -28.48 3.97 3.39
C ARG B 214 -27.44 3.75 2.30
N SER B 215 -27.76 4.08 1.05
CA SER B 215 -26.84 3.90 -0.06
C SER B 215 -25.93 5.10 -0.29
N LEU B 216 -26.05 6.14 0.52
CA LEU B 216 -25.21 7.32 0.37
C LEU B 216 -23.75 6.95 0.64
N PRO B 217 -22.81 7.34 -0.23
CA PRO B 217 -21.41 6.93 -0.02
C PRO B 217 -20.84 7.35 1.31
N ALA B 218 -21.08 8.59 1.74
CA ALA B 218 -20.49 9.06 2.98
C ALA B 218 -21.16 8.42 4.19
N TYR B 219 -22.47 8.16 4.13
CA TYR B 219 -23.11 7.46 5.23
C TYR B 219 -22.59 6.03 5.36
N ILE B 220 -22.32 5.38 4.23
CA ILE B 220 -21.69 4.05 4.27
C ILE B 220 -20.33 4.13 4.94
N ALA B 221 -19.56 5.18 4.63
CA ALA B 221 -18.24 5.33 5.24
C ALA B 221 -18.36 5.64 6.72
N LEU B 222 -19.34 6.46 7.11
CA LEU B 222 -19.52 6.76 8.53
C LEU B 222 -19.98 5.53 9.30
N ARG B 223 -20.80 4.69 8.68
CA ARG B 223 -21.25 3.47 9.33
C ARG B 223 -20.11 2.48 9.51
N ASN B 224 -19.30 2.30 8.47
CA ASN B 224 -18.17 1.39 8.55
C ASN B 224 -17.12 1.90 9.53
N ALA B 225 -16.88 3.21 9.55
CA ALA B 225 -15.84 3.77 10.41
C ALA B 225 -16.18 3.60 11.89
N VAL B 226 -17.46 3.79 12.25
CA VAL B 226 -17.88 3.50 13.62
C VAL B 226 -17.68 2.03 13.95
N THR B 227 -17.95 1.15 12.98
CA THR B 227 -17.81 -0.27 13.21
C THR B 227 -16.34 -0.68 13.32
N ASP B 228 -15.50 -0.16 12.41
CA ASP B 228 -14.08 -0.51 12.43
C ASP B 228 -13.40 -0.01 13.69
N HIS B 229 -13.74 1.19 14.14
CA HIS B 229 -13.15 1.72 15.37
C HIS B 229 -13.52 0.86 16.57
N SER B 230 -14.77 0.39 16.62
CA SER B 230 -15.18 -0.51 17.70
C SER B 230 -14.41 -1.82 17.64
N GLY B 231 -14.24 -2.39 16.45
CA GLY B 231 -13.56 -3.66 16.33
C GLY B 231 -12.08 -3.58 16.67
N LEU B 232 -11.40 -2.55 16.16
CA LEU B 232 -9.97 -2.41 16.42
C LEU B 232 -9.71 -2.05 17.88
N CYS B 233 -10.50 -1.14 18.44
CA CYS B 233 -10.34 -0.80 19.85
C CYS B 233 -10.59 -2.02 20.73
N ASN B 234 -11.51 -2.90 20.31
CA ASN B 234 -11.73 -4.15 21.04
C ASN B 234 -10.51 -5.03 20.99
N ASP B 235 -9.84 -5.10 19.83
CA ASP B 235 -8.66 -5.95 19.68
C ASP B 235 -7.49 -5.40 20.48
N ILE B 236 -7.32 -4.08 20.50
CA ILE B 236 -6.17 -3.47 21.19
C ILE B 236 -6.26 -3.72 22.69
N CYS B 237 -7.45 -3.50 23.27
CA CYS B 237 -7.61 -3.67 24.71
C CYS B 237 -7.67 -5.13 25.13
N SER B 238 -7.57 -6.07 24.20
CA SER B 238 -7.54 -7.48 24.54
C SER B 238 -6.22 -8.10 24.13
N HIS B 249 -8.25 -13.47 13.81
CA HIS B 249 -8.22 -13.71 15.24
C HIS B 249 -8.18 -12.40 16.01
N ASN B 250 -7.07 -11.67 15.85
CA ASN B 250 -6.89 -10.37 16.51
C ASN B 250 -6.05 -9.49 15.61
N ALA B 251 -6.43 -8.21 15.51
CA ALA B 251 -5.75 -7.30 14.61
C ALA B 251 -4.31 -7.03 15.05
N VAL B 252 -4.07 -6.96 16.36
CA VAL B 252 -2.73 -6.67 16.86
C VAL B 252 -1.77 -7.81 16.51
N ARG B 253 -2.23 -9.05 16.62
CA ARG B 253 -1.38 -10.18 16.28
C ARG B 253 -1.07 -10.23 14.79
N LEU B 254 -2.05 -9.85 13.96
CA LEU B 254 -1.81 -9.82 12.51
C LEU B 254 -0.85 -8.70 12.14
N ILE B 255 -0.88 -7.58 12.85
CA ILE B 255 0.09 -6.51 12.63
C ILE B 255 1.48 -6.99 13.00
N GLN B 256 1.61 -7.64 14.16
CA GLN B 256 2.91 -8.18 14.57
C GLN B 256 3.39 -9.24 13.59
N ARG B 257 2.47 -10.02 13.04
CA ARG B 257 2.85 -11.07 12.09
C ARG B 257 3.34 -10.48 10.77
N ASP B 258 2.61 -9.51 10.23
CA ASP B 258 3.01 -8.90 8.96
C ASP B 258 4.27 -8.08 9.11
N ARG B 259 4.49 -7.46 10.27
CA ARG B 259 5.64 -6.59 10.49
C ARG B 259 6.82 -7.29 11.14
N GLY B 260 6.62 -8.49 11.69
CA GLY B 260 7.69 -9.15 12.41
C GLY B 260 8.21 -8.34 13.58
N SER B 261 7.32 -7.62 14.27
CA SER B 261 7.69 -6.68 15.31
C SER B 261 7.51 -7.32 16.69
N THR B 262 7.80 -6.53 17.72
CA THR B 262 7.53 -6.94 19.09
C THR B 262 6.06 -6.69 19.41
N LEU B 263 5.67 -7.04 20.64
CA LEU B 263 4.28 -6.86 21.04
C LEU B 263 3.95 -5.38 21.26
N GLN B 264 4.88 -4.63 21.84
CA GLN B 264 4.65 -3.20 22.07
C GLN B 264 4.63 -2.44 20.75
N GLU B 265 5.48 -2.82 19.80
CA GLU B 265 5.53 -2.12 18.52
C GLU B 265 4.25 -2.33 17.72
N ALA B 266 3.66 -3.52 17.80
CA ALA B 266 2.40 -3.77 17.10
C ALA B 266 1.24 -3.05 17.78
N VAL B 267 1.27 -2.97 19.11
CA VAL B 267 0.20 -2.29 19.84
C VAL B 267 0.19 -0.81 19.49
N ASP B 268 1.37 -0.18 19.41
CA ASP B 268 1.42 1.23 19.04
C ASP B 268 1.06 1.44 17.59
N GLU B 269 1.36 0.48 16.72
CA GLU B 269 0.93 0.58 15.33
C GLU B 269 -0.59 0.46 15.21
N ALA B 270 -1.19 -0.43 16.00
CA ALA B 270 -2.65 -0.53 16.02
C ALA B 270 -3.28 0.76 16.56
N GLY B 271 -2.65 1.36 17.57
CA GLY B 271 -3.14 2.64 18.06
C GLY B 271 -3.06 3.73 17.02
N ILE B 272 -2.06 3.68 16.13
CA ILE B 272 -1.96 4.64 15.05
C ILE B 272 -3.01 4.36 13.97
N GLN B 273 -3.21 3.08 13.66
CA GLN B 273 -4.27 2.71 12.71
C GLN B 273 -5.65 3.06 13.25
N LEU B 274 -5.84 2.98 14.56
CA LEU B 274 -7.11 3.38 15.16
C LEU B 274 -7.33 4.88 15.01
N ALA B 275 -6.28 5.67 15.24
CA ALA B 275 -6.37 7.10 15.01
C ALA B 275 -6.73 7.43 13.58
N ARG B 276 -6.30 6.59 12.64
CA ARG B 276 -6.66 6.79 11.23
C ARG B 276 -8.13 6.44 10.99
N ILE B 277 -8.69 5.55 11.80
CA ILE B 277 -10.13 5.28 11.69
C ILE B 277 -10.94 6.43 12.28
N ALA B 278 -10.48 6.99 13.40
CA ALA B 278 -11.15 8.14 13.99
C ALA B 278 -11.16 9.34 13.06
N GLU B 279 -10.08 9.52 12.28
CA GLU B 279 -10.08 10.57 11.27
C GLU B 279 -11.08 10.29 10.16
N ARG B 280 -11.33 9.01 9.86
CA ARG B 280 -12.33 8.67 8.85
C ARG B 280 -13.73 8.97 9.34
N VAL B 281 -13.96 8.97 10.65
CA VAL B 281 -15.26 9.35 11.17
C VAL B 281 -15.51 10.84 10.93
N GLN B 282 -14.51 11.67 11.18
CA GLN B 282 -14.67 13.11 11.00
C GLN B 282 -14.90 13.46 9.53
N ARG B 283 -14.14 12.83 8.63
CA ARG B 283 -14.31 13.14 7.20
C ARG B 283 -15.64 12.64 6.68
N ALA B 284 -16.06 11.43 7.11
CA ALA B 284 -17.36 10.92 6.70
C ALA B 284 -18.48 11.80 7.21
N GLU B 285 -18.30 12.46 8.35
CA GLU B 285 -19.27 13.44 8.81
C GLU B 285 -19.32 14.64 7.87
N ARG B 286 -18.15 15.17 7.52
CA ARG B 286 -18.10 16.31 6.61
C ARG B 286 -18.72 15.98 5.27
N GLU B 287 -18.32 14.86 4.67
CA GLU B 287 -18.84 14.47 3.36
C GLU B 287 -20.29 14.05 3.40
N LEU B 288 -20.81 13.62 4.56
CA LEU B 288 -22.22 13.30 4.65
C LEU B 288 -23.07 14.56 4.64
N ILE B 289 -22.64 15.61 5.34
CA ILE B 289 -23.34 16.89 5.28
C ILE B 289 -23.27 17.45 3.86
N GLU B 290 -22.14 17.27 3.20
CA GLU B 290 -22.02 17.69 1.80
C GLU B 290 -22.98 16.92 0.91
N GLU B 291 -23.15 15.62 1.17
CA GLU B 291 -24.04 14.81 0.34
C GLU B 291 -25.50 15.13 0.62
N ILE B 292 -25.85 15.36 1.90
CA ILE B 292 -27.20 15.77 2.23
C ILE B 292 -27.57 17.05 1.49
N GLU B 293 -26.66 18.01 1.45
CA GLU B 293 -26.96 19.29 0.80
C GLU B 293 -26.95 19.16 -0.71
N ALA B 294 -26.08 18.29 -1.25
CA ALA B 294 -26.02 18.10 -2.70
C ALA B 294 -27.22 17.30 -3.20
N ALA B 295 -27.70 16.34 -2.41
CA ALA B 295 -28.82 15.50 -2.83
C ALA B 295 -30.17 16.16 -2.61
N GLY B 296 -30.21 17.36 -2.05
CA GLY B 296 -31.49 18.00 -1.76
C GLY B 296 -32.33 17.24 -0.76
N ILE B 297 -31.69 16.56 0.20
CA ILE B 297 -32.41 15.80 1.20
C ILE B 297 -33.01 16.76 2.23
N ASP B 298 -34.30 16.58 2.51
CA ASP B 298 -35.00 17.40 3.48
C ASP B 298 -36.00 16.53 4.24
N GLY B 299 -36.75 17.16 5.14
CA GLY B 299 -37.79 16.48 5.87
C GLY B 299 -37.25 15.45 6.85
N PRO B 300 -38.02 14.39 7.07
CA PRO B 300 -37.60 13.35 8.04
C PRO B 300 -36.29 12.66 7.67
N THR B 301 -35.95 12.60 6.37
CA THR B 301 -34.71 11.94 5.98
C THR B 301 -33.49 12.79 6.32
N ARG B 302 -33.60 14.12 6.21
CA ARG B 302 -32.49 14.98 6.59
C ARG B 302 -32.28 14.98 8.10
N THR B 303 -33.37 14.94 8.87
CA THR B 303 -33.26 14.90 10.32
C THR B 303 -32.63 13.59 10.79
N ALA B 304 -32.95 12.48 10.10
CA ALA B 304 -32.41 11.19 10.48
C ALA B 304 -30.91 11.10 10.18
N LEU B 305 -30.47 11.64 9.05
CA LEU B 305 -29.05 11.61 8.71
C LEU B 305 -28.25 12.53 9.61
N GLU B 306 -28.78 13.72 9.90
CA GLU B 306 -28.10 14.63 10.82
C GLU B 306 -28.07 14.06 12.24
N ARG B 307 -29.07 13.28 12.61
CA ARG B 307 -29.05 12.59 13.90
C ARG B 307 -27.94 11.57 13.97
N CYS B 308 -27.56 10.96 12.84
CA CYS B 308 -26.45 10.03 12.82
C CYS B 308 -25.11 10.77 12.91
N VAL B 309 -24.99 11.89 12.19
CA VAL B 309 -23.77 12.69 12.26
C VAL B 309 -23.50 13.14 13.69
N ARG B 310 -24.55 13.46 14.44
CA ARG B 310 -24.39 13.93 15.80
C ARG B 310 -24.11 12.80 16.78
N ASP B 311 -24.76 11.64 16.58
CA ASP B 311 -24.70 10.57 17.57
C ASP B 311 -23.54 9.60 17.36
N TYR B 312 -23.18 9.31 16.10
CA TYR B 312 -22.16 8.31 15.85
C TYR B 312 -20.83 8.68 16.47
N ARG B 313 -20.59 9.97 16.69
CA ARG B 313 -19.42 10.41 17.46
C ARG B 313 -19.41 9.80 18.85
N GLY B 314 -20.49 10.03 19.60
CA GLY B 314 -20.60 9.52 20.96
C GLY B 314 -20.59 8.01 21.07
N LEU B 315 -21.00 7.31 20.00
CA LEU B 315 -20.96 5.85 20.03
C LEU B 315 -19.52 5.36 19.97
N VAL B 316 -18.68 6.01 19.16
CA VAL B 316 -17.26 5.67 19.13
C VAL B 316 -16.61 5.96 20.47
N ARG B 317 -16.83 7.17 20.99
CA ARG B 317 -16.29 7.53 22.31
C ARG B 317 -16.88 6.64 23.40
N GLY B 318 -18.18 6.36 23.33
CA GLY B 318 -18.79 5.47 24.31
C GLY B 318 -18.20 4.08 24.27
N ASP B 319 -18.07 3.52 23.07
CA ASP B 319 -17.37 2.25 22.91
C ASP B 319 -15.93 2.35 23.38
N PHE B 320 -15.29 3.48 23.11
CA PHE B 320 -13.91 3.68 23.55
C PHE B 320 -13.81 3.70 25.06
N ASP B 321 -14.70 4.43 25.73
CA ASP B 321 -14.67 4.52 27.18
C ASP B 321 -14.91 3.16 27.83
N TYR B 322 -15.66 2.28 27.16
CA TYR B 322 -15.88 0.94 27.71
C TYR B 322 -14.60 0.11 27.66
N HIS B 323 -14.01 -0.02 26.48
CA HIS B 323 -12.81 -0.86 26.34
C HIS B 323 -11.63 -0.29 27.11
N ALA B 324 -11.59 1.03 27.30
CA ALA B 324 -10.52 1.67 28.06
C ALA B 324 -11.06 2.25 29.37
N ILE C 18 -6.39 26.43 10.63
CA ILE C 18 -5.68 25.16 10.74
C ILE C 18 -5.09 25.00 12.14
N THR C 19 -5.34 23.84 12.75
CA THR C 19 -4.83 23.53 14.08
C THR C 19 -3.87 22.35 13.97
N LEU C 20 -2.68 22.50 14.53
CA LEU C 20 -1.70 21.44 14.49
C LEU C 20 -2.18 20.25 15.32
N PRO C 21 -1.95 19.02 14.88
CA PRO C 21 -2.43 17.86 15.63
C PRO C 21 -1.59 17.60 16.85
N ALA C 22 -2.14 16.77 17.75
CA ALA C 22 -1.42 16.32 18.94
C ALA C 22 -0.30 15.39 18.49
N PHE C 23 0.91 15.92 18.42
CA PHE C 23 2.03 15.14 17.90
C PHE C 23 2.43 14.02 18.85
N HIS C 24 2.95 12.95 18.27
CA HIS C 24 3.45 11.80 19.02
C HIS C 24 4.95 11.97 19.19
N MET C 25 5.38 12.31 20.40
CA MET C 25 6.78 12.58 20.71
C MET C 25 7.17 11.82 21.98
N PRO C 26 7.59 10.56 21.84
CA PRO C 26 8.02 9.79 23.01
C PRO C 26 9.49 9.95 23.37
N PHE C 27 10.20 10.92 22.78
CA PHE C 27 11.62 11.14 23.04
C PHE C 27 11.81 12.30 24.00
N GLN C 28 12.60 12.08 25.04
CA GLN C 28 12.89 13.13 26.00
C GLN C 28 13.89 14.13 25.41
N SER C 29 13.78 15.38 25.86
CA SER C 29 14.65 16.43 25.38
C SER C 29 16.03 16.31 26.00
N ALA C 30 17.06 16.55 25.18
CA ALA C 30 18.44 16.63 25.66
C ALA C 30 18.82 18.03 26.09
N GLY C 31 17.87 18.96 26.16
CA GLY C 31 18.14 20.33 26.54
C GLY C 31 18.53 21.19 25.36
N CYS C 32 18.86 22.44 25.68
CA CYS C 32 19.31 23.43 24.72
C CYS C 32 20.69 23.93 25.14
N HIS C 33 21.56 24.15 24.16
CA HIS C 33 22.93 24.54 24.45
C HIS C 33 22.95 25.90 25.15
N PRO C 34 23.69 26.05 26.25
CA PRO C 34 23.73 27.35 26.94
C PRO C 34 24.43 28.43 26.14
N GLY C 35 25.20 28.08 25.12
CA GLY C 35 25.89 29.07 24.31
C GLY C 35 25.10 29.49 23.09
N LEU C 36 23.77 29.43 23.19
CA LEU C 36 22.92 29.83 22.07
C LEU C 36 23.18 31.27 21.66
N ALA C 37 23.23 32.18 22.65
CA ALA C 37 23.46 33.59 22.34
C ALA C 37 24.85 33.82 21.79
N GLU C 38 25.86 33.15 22.35
CA GLU C 38 27.23 33.37 21.89
C GLU C 38 27.44 32.81 20.48
N THR C 39 26.86 31.65 20.19
CA THR C 39 27.02 31.06 18.87
C THR C 39 26.27 31.82 17.79
N ARG C 40 25.27 32.62 18.17
CA ARG C 40 24.62 33.49 17.19
C ARG C 40 25.52 34.67 16.84
N GLU C 41 26.10 35.31 17.86
CA GLU C 41 27.01 36.43 17.61
C GLU C 41 28.25 35.97 16.85
N ALA C 42 28.72 34.74 17.14
CA ALA C 42 29.86 34.20 16.42
C ALA C 42 29.53 33.95 14.95
N ALA C 43 28.29 33.54 14.67
CA ALA C 43 27.89 33.29 13.29
C ALA C 43 27.89 34.57 12.47
N TRP C 44 27.30 35.64 13.01
CA TRP C 44 27.23 36.90 12.28
C TRP C 44 28.60 37.54 12.15
N GLU C 45 29.42 37.48 13.20
CA GLU C 45 30.78 38.00 13.10
C GLU C 45 31.59 37.19 12.08
N TRP C 46 31.32 35.89 11.97
CA TRP C 46 31.95 35.10 10.92
C TRP C 46 31.41 35.49 9.55
N ALA C 47 30.11 35.78 9.46
CA ALA C 47 29.53 36.17 8.19
C ALA C 47 30.09 37.50 7.71
N ALA C 48 30.32 38.43 8.63
CA ALA C 48 30.92 39.71 8.25
C ALA C 48 32.39 39.54 7.89
N ALA C 49 33.12 38.71 8.65
CA ALA C 49 34.53 38.49 8.36
C ALA C 49 34.72 37.82 7.00
N GLU C 50 33.82 36.91 6.64
CA GLU C 50 33.89 36.26 5.34
C GLU C 50 33.35 37.12 4.20
N GLY C 51 32.90 38.34 4.49
CA GLY C 51 32.40 39.22 3.46
C GLY C 51 30.99 38.92 2.99
N LEU C 52 30.24 38.08 3.71
CA LEU C 52 28.87 37.74 3.33
C LEU C 52 27.99 38.96 3.56
N ASP C 53 27.69 39.68 2.48
CA ASP C 53 26.83 40.87 2.55
C ASP C 53 25.40 40.45 2.29
N LEU C 54 24.61 40.35 3.36
CA LEU C 54 23.22 39.95 3.27
C LEU C 54 22.33 41.17 3.09
N SER C 55 21.27 41.02 2.29
CA SER C 55 20.29 42.08 2.18
C SER C 55 19.47 42.17 3.47
N VAL C 56 18.83 43.33 3.66
CA VAL C 56 17.99 43.52 4.84
C VAL C 56 16.86 42.48 4.91
N PRO C 57 16.14 42.16 3.83
CA PRO C 57 15.18 41.05 3.93
C PRO C 57 15.84 39.72 4.23
N ALA C 58 17.03 39.47 3.67
CA ALA C 58 17.74 38.24 3.98
C ALA C 58 18.26 38.23 5.41
N ARG C 59 18.67 39.40 5.92
CA ARG C 59 19.08 39.49 7.32
C ARG C 59 17.93 39.19 8.26
N ARG C 60 16.78 39.81 8.02
CA ARG C 60 15.62 39.59 8.89
C ARG C 60 15.06 38.19 8.74
N LYS C 61 15.17 37.60 7.55
CA LYS C 61 14.78 36.20 7.38
C LYS C 61 15.68 35.28 8.21
N MET C 62 16.99 35.53 8.18
CA MET C 62 17.91 34.74 8.98
C MET C 62 17.62 34.89 10.47
N ILE C 63 17.27 36.10 10.90
CA ILE C 63 16.92 36.32 12.30
C ILE C 63 15.64 35.58 12.66
N ARG C 64 14.69 35.53 11.73
CA ARG C 64 13.45 34.80 11.99
C ARG C 64 13.68 33.30 12.03
N THR C 65 14.56 32.79 11.17
CA THR C 65 14.81 31.35 11.13
C THR C 65 15.58 30.86 12.35
N ARG C 66 16.36 31.72 12.99
CA ARG C 66 17.12 31.41 14.20
C ARG C 66 17.98 30.17 13.99
N PRO C 67 19.11 30.28 13.28
CA PRO C 67 20.00 29.12 13.14
C PRO C 67 20.60 28.69 14.46
N GLU C 68 20.87 29.64 15.36
CA GLU C 68 21.46 29.32 16.65
C GLU C 68 20.54 28.43 17.48
N LEU C 69 19.22 28.55 17.29
CA LEU C 69 18.29 27.74 18.06
C LEU C 69 18.31 26.29 17.62
N TRP C 70 18.22 26.06 16.31
CA TRP C 70 18.23 24.68 15.81
C TRP C 70 19.53 23.98 16.12
N ILE C 71 20.67 24.67 15.96
CA ILE C 71 21.95 24.04 16.21
C ILE C 71 22.15 23.79 17.70
N SER C 72 21.49 24.58 18.56
CA SER C 72 21.60 24.37 20.00
C SER C 72 20.68 23.27 20.47
N LEU C 73 19.53 23.09 19.83
CA LEU C 73 18.65 21.98 20.16
C LEU C 73 19.16 20.66 19.59
N ILE C 74 19.97 20.72 18.54
CA ILE C 74 20.53 19.51 17.94
C ILE C 74 21.79 19.06 18.67
N PHE C 75 22.67 19.99 19.02
CA PHE C 75 23.92 19.68 19.73
C PHE C 75 23.96 20.45 21.05
N PRO C 76 23.14 20.04 22.03
CA PRO C 76 23.09 20.79 23.30
C PRO C 76 24.26 20.53 24.23
N GLN C 77 25.08 19.51 23.97
CA GLN C 77 26.24 19.20 24.80
C GLN C 77 27.56 19.43 24.06
N ALA C 78 27.52 20.03 22.88
CA ALA C 78 28.73 20.25 22.11
C ALA C 78 29.57 21.36 22.73
N THR C 79 30.88 21.30 22.47
CA THR C 79 31.76 22.38 22.88
C THR C 79 31.40 23.66 22.15
N GLN C 80 31.79 24.79 22.74
CA GLN C 80 31.46 26.09 22.13
C GLN C 80 32.09 26.21 20.75
N ALA C 81 33.32 25.72 20.59
CA ALA C 81 33.99 25.79 19.29
C ALA C 81 33.28 24.93 18.26
N HIS C 82 32.83 23.74 18.66
CA HIS C 82 32.10 22.88 17.72
C HIS C 82 30.74 23.46 17.39
N LEU C 83 30.07 24.06 18.37
CA LEU C 83 28.75 24.65 18.12
C LEU C 83 28.86 25.85 17.18
N ASP C 84 29.90 26.67 17.34
CA ASP C 84 30.08 27.82 16.47
C ASP C 84 30.33 27.39 15.04
N LEU C 85 31.19 26.39 14.84
CA LEU C 85 31.47 25.89 13.49
C LEU C 85 30.22 25.32 12.85
N PHE C 86 29.46 24.51 13.60
CA PHE C 86 28.25 23.90 13.05
C PHE C 86 27.20 24.95 12.73
N CYS C 87 27.09 25.98 13.58
CA CYS C 87 26.13 27.05 13.33
C CYS C 87 26.49 27.82 12.06
N GLN C 88 27.80 27.97 11.78
CA GLN C 88 28.22 28.65 10.57
C GLN C 88 27.91 27.81 9.33
N TRP C 89 28.07 26.48 9.44
CA TRP C 89 27.59 25.60 8.38
C TRP C 89 26.10 25.79 8.14
N LEU C 90 25.33 25.91 9.22
CA LEU C 90 23.89 26.14 9.08
C LEU C 90 23.61 27.54 8.54
N PHE C 91 24.41 28.53 8.94
CA PHE C 91 24.26 29.87 8.40
C PHE C 91 24.53 29.90 6.91
N TRP C 92 25.60 29.22 6.47
CA TRP C 92 25.90 29.16 5.04
C TRP C 92 24.84 28.37 4.28
N ALA C 93 24.38 27.26 4.85
CA ALA C 93 23.36 26.45 4.19
C ALA C 93 22.05 27.20 4.06
N PHE C 94 21.70 28.03 5.06
CA PHE C 94 20.51 28.85 4.95
C PHE C 94 20.63 29.88 3.83
N LEU C 95 21.83 30.44 3.65
CA LEU C 95 22.05 31.41 2.59
C LEU C 95 21.93 30.76 1.22
N VAL C 96 22.43 29.54 1.06
CA VAL C 96 22.28 28.82 -0.20
C VAL C 96 20.80 28.58 -0.50
N ASP C 97 20.03 28.21 0.53
CA ASP C 97 18.61 27.93 0.34
C ASP C 97 17.85 29.19 -0.09
N ASP C 98 18.19 30.33 0.50
CA ASP C 98 17.50 31.57 0.16
C ASP C 98 17.76 31.96 -1.30
N GLU C 99 18.94 31.64 -1.83
CA GLU C 99 19.25 31.97 -3.22
C GLU C 99 18.38 31.20 -4.19
N PHE C 100 17.94 29.99 -3.83
CA PHE C 100 17.17 29.15 -4.73
C PHE C 100 15.67 29.26 -4.49
N ASP C 101 15.23 29.15 -3.24
CA ASP C 101 13.81 29.27 -2.92
C ASP C 101 13.43 30.75 -2.87
N ASP C 102 13.44 31.38 -4.04
CA ASP C 102 13.10 32.79 -4.19
C ASP C 102 12.82 33.12 -5.65
N GLY C 106 14.95 31.27 -8.26
CA GLY C 106 15.87 30.42 -9.01
C GLY C 106 15.23 29.12 -9.45
N ARG C 107 14.52 29.17 -10.58
CA ARG C 107 13.84 27.99 -11.12
C ARG C 107 14.34 27.61 -12.51
N ASP C 108 15.37 28.28 -13.02
CA ASP C 108 15.93 27.92 -14.32
C ASP C 108 16.93 26.78 -14.15
N PRO C 109 16.71 25.63 -14.79
CA PRO C 109 17.63 24.49 -14.57
C PRO C 109 19.05 24.79 -15.01
N LEU C 110 19.24 25.57 -16.08
CA LEU C 110 20.59 25.88 -16.53
C LEU C 110 21.34 26.73 -15.50
N MET C 111 20.67 27.71 -14.90
CA MET C 111 21.33 28.53 -13.88
C MET C 111 21.64 27.73 -12.62
N CYS C 112 20.73 26.84 -12.23
CA CYS C 112 20.99 26.01 -11.06
C CYS C 112 22.13 25.03 -11.31
N GLU C 113 22.21 24.49 -12.52
CA GLU C 113 23.27 23.53 -12.86
C GLU C 113 24.64 24.16 -12.69
N ARG C 114 24.87 25.32 -13.30
CA ARG C 114 26.16 26.00 -13.18
C ARG C 114 26.44 26.39 -11.74
N ALA C 115 25.41 26.83 -11.02
CA ALA C 115 25.61 27.30 -9.64
C ALA C 115 26.03 26.15 -8.73
N ILE C 116 25.29 25.03 -8.76
CA ILE C 116 25.60 23.92 -7.88
C ILE C 116 26.95 23.31 -8.24
N ALA C 117 27.17 23.07 -9.54
CA ALA C 117 28.43 22.48 -9.97
C ALA C 117 29.62 23.32 -9.55
N ARG C 118 29.48 24.64 -9.55
CA ARG C 118 30.55 25.50 -9.10
C ARG C 118 30.76 25.36 -7.59
N LEU C 119 29.67 25.26 -6.82
CA LEU C 119 29.80 25.09 -5.38
C LEU C 119 30.44 23.76 -5.03
N VAL C 120 30.04 22.68 -5.70
CA VAL C 120 30.61 21.37 -5.41
C VAL C 120 32.05 21.30 -5.86
N ASP C 121 32.40 21.99 -6.95
CA ASP C 121 33.80 22.03 -7.37
C ASP C 121 34.68 22.73 -6.34
N VAL C 122 34.19 23.84 -5.78
CA VAL C 122 34.93 24.53 -4.71
C VAL C 122 35.08 23.62 -3.51
N PHE C 123 34.00 22.92 -3.13
CA PHE C 123 34.10 21.96 -2.03
C PHE C 123 35.14 20.90 -2.31
N ASP C 124 35.22 20.42 -3.56
CA ASP C 124 36.17 19.37 -3.90
C ASP C 124 37.60 19.88 -3.98
N GLY C 125 37.80 21.19 -4.05
CA GLY C 125 39.15 21.74 -4.01
C GLY C 125 39.41 22.91 -4.93
N ALA C 126 38.41 23.30 -5.72
CA ALA C 126 38.60 24.40 -6.65
C ALA C 126 38.82 25.71 -5.90
N ALA C 127 39.55 26.62 -6.54
CA ALA C 127 39.88 27.89 -5.90
C ALA C 127 38.62 28.72 -5.73
N PRO C 128 38.32 29.21 -4.53
CA PRO C 128 37.12 30.03 -4.33
C PRO C 128 37.28 31.42 -4.94
N ASN C 129 36.15 32.01 -5.32
CA ASN C 129 36.14 33.35 -5.91
C ASN C 129 35.36 34.31 -5.03
N GLY C 130 34.03 34.18 -4.95
CA GLY C 130 33.23 35.08 -4.15
C GLY C 130 33.30 34.73 -2.69
N PRO C 131 32.64 35.57 -1.87
CA PRO C 131 32.65 35.34 -0.42
C PRO C 131 31.91 34.07 -0.02
N MET C 132 30.86 33.67 -0.75
CA MET C 132 30.20 32.41 -0.45
C MET C 132 31.10 31.22 -0.72
N GLU C 133 31.96 31.32 -1.73
CA GLU C 133 32.90 30.23 -2.02
C GLU C 133 34.03 30.18 -0.99
N ARG C 134 34.56 31.35 -0.62
CA ARG C 134 35.62 31.37 0.38
C ARG C 134 35.10 30.96 1.75
N ALA C 135 33.83 31.25 2.05
CA ALA C 135 33.24 30.78 3.29
C ALA C 135 33.10 29.25 3.28
N LEU C 136 32.62 28.69 2.17
CA LEU C 136 32.51 27.25 2.05
C LEU C 136 33.88 26.58 2.15
N ALA C 137 34.88 27.16 1.50
CA ALA C 137 36.24 26.62 1.59
C ALA C 137 36.77 26.72 3.01
N GLY C 138 36.49 27.84 3.69
CA GLY C 138 36.93 27.98 5.07
C GLY C 138 36.27 27.00 6.01
N LEU C 139 34.97 26.77 5.82
CA LEU C 139 34.26 25.78 6.63
C LEU C 139 34.82 24.39 6.40
N ARG C 140 35.03 24.02 5.13
CA ARG C 140 35.52 22.69 4.82
C ARG C 140 36.92 22.46 5.36
N ASP C 141 37.76 23.51 5.33
CA ASP C 141 39.11 23.38 5.87
C ASP C 141 39.11 23.19 7.38
N ARG C 142 38.14 23.80 8.08
CA ARG C 142 38.03 23.65 9.52
C ARG C 142 37.28 22.39 9.93
N THR C 143 36.71 21.65 8.98
CA THR C 143 35.84 20.52 9.28
C THR C 143 36.35 19.22 8.69
N CYS C 144 36.76 19.23 7.41
CA CYS C 144 37.04 18.01 6.67
C CYS C 144 38.50 17.61 6.65
N ARG C 145 39.42 18.58 6.57
CA ARG C 145 40.84 18.26 6.52
C ARG C 145 41.29 17.57 7.81
N GLY C 146 41.73 16.32 7.68
CA GLY C 146 42.22 15.53 8.80
C GLY C 146 41.36 14.33 9.13
N ARG C 147 40.08 14.38 8.81
CA ARG C 147 39.18 13.29 9.16
C ARG C 147 39.32 12.14 8.16
N SER C 148 38.76 10.99 8.52
CA SER C 148 38.96 9.78 7.76
C SER C 148 38.31 9.87 6.38
N PRO C 149 38.82 9.10 5.41
CA PRO C 149 38.19 9.13 4.07
C PRO C 149 36.77 8.60 4.05
N GLN C 150 36.44 7.63 4.91
CA GLN C 150 35.07 7.13 4.94
C GLN C 150 34.11 8.17 5.50
N TRP C 151 34.58 9.00 6.43
CA TRP C 151 33.73 10.09 6.92
C TRP C 151 33.60 11.18 5.87
N ASN C 152 34.70 11.51 5.18
CA ASN C 152 34.63 12.53 4.14
C ASN C 152 33.76 12.09 2.97
N ARG C 153 33.74 10.79 2.67
CA ARG C 153 32.82 10.30 1.65
C ARG C 153 31.37 10.49 2.07
N GLN C 154 31.05 10.18 3.33
CA GLN C 154 29.68 10.33 3.80
C GLN C 154 29.26 11.79 3.88
N PHE C 155 30.18 12.67 4.28
CA PHE C 155 29.85 14.09 4.37
C PHE C 155 29.71 14.71 2.98
N ARG C 156 30.58 14.31 2.04
CA ARG C 156 30.46 14.84 0.68
C ARG C 156 29.22 14.28 -0.01
N ARG C 157 28.90 13.01 0.23
CA ARG C 157 27.71 12.42 -0.37
C ARG C 157 26.45 13.12 0.12
N ASP C 158 26.36 13.39 1.43
CA ASP C 158 25.17 14.01 1.98
C ASP C 158 25.07 15.48 1.60
N THR C 159 26.21 16.17 1.54
CA THR C 159 26.19 17.58 1.20
C THR C 159 25.88 17.79 -0.28
N ALA C 160 26.50 17.00 -1.16
CA ALA C 160 26.27 17.17 -2.59
C ALA C 160 24.86 16.75 -2.98
N ALA C 161 24.34 15.68 -2.36
CA ALA C 161 22.98 15.24 -2.63
C ALA C 161 21.98 16.32 -2.24
N TRP C 162 22.22 17.02 -1.13
CA TRP C 162 21.36 18.13 -0.75
C TRP C 162 21.41 19.25 -1.78
N LEU C 163 22.62 19.60 -2.25
CA LEU C 163 22.75 20.69 -3.20
C LEU C 163 22.06 20.35 -4.52
N TRP C 164 22.19 19.11 -4.98
CA TRP C 164 21.59 18.73 -6.26
C TRP C 164 20.07 18.57 -6.18
N THR C 165 19.48 18.60 -4.98
CA THR C 165 18.03 18.58 -4.90
C THR C 165 17.41 19.86 -5.45
N TYR C 166 18.14 20.98 -5.36
CA TYR C 166 17.65 22.22 -5.97
C TYR C 166 17.59 22.10 -7.48
N TYR C 167 18.60 21.47 -8.09
CA TYR C 167 18.57 21.25 -9.53
C TYR C 167 17.51 20.23 -9.91
N ALA C 168 17.33 19.19 -9.08
CA ALA C 168 16.33 18.17 -9.38
C ALA C 168 14.92 18.74 -9.36
N GLU C 169 14.64 19.63 -8.41
CA GLU C 169 13.31 20.26 -8.36
C GLU C 169 13.10 21.19 -9.54
N ALA C 170 14.13 21.97 -9.90
CA ALA C 170 13.99 22.90 -11.01
C ALA C 170 13.77 22.17 -12.33
N VAL C 171 14.43 21.02 -12.51
CA VAL C 171 14.23 20.24 -13.73
C VAL C 171 12.85 19.61 -13.73
N GLU C 172 12.41 19.07 -12.58
CA GLU C 172 11.12 18.41 -12.51
C GLU C 172 9.98 19.40 -12.76
N ARG C 173 10.08 20.60 -12.18
CA ARG C 173 9.01 21.59 -12.36
C ARG C 173 9.02 22.15 -13.78
N ALA C 174 10.19 22.32 -14.38
CA ALA C 174 10.27 22.82 -15.74
C ALA C 174 9.66 21.83 -16.73
N ALA C 175 9.72 20.54 -16.43
CA ALA C 175 9.14 19.52 -17.28
C ALA C 175 7.65 19.29 -17.01
N GLY C 176 7.06 20.04 -16.09
CA GLY C 176 5.67 19.82 -15.73
C GLY C 176 5.43 18.53 -14.98
N GLN C 177 6.46 17.96 -14.37
CA GLN C 177 6.35 16.70 -13.64
C GLN C 177 6.11 16.97 -12.16
N VAL C 178 5.33 16.10 -11.55
CA VAL C 178 5.03 16.21 -10.11
C VAL C 178 5.55 14.96 -9.41
N PRO C 179 6.06 15.07 -8.19
CA PRO C 179 6.56 13.89 -7.49
C PRO C 179 5.43 13.14 -6.79
N SER C 180 5.51 11.81 -6.85
CA SER C 180 4.61 11.00 -6.06
C SER C 180 4.98 11.14 -4.57
N ARG C 181 4.08 10.64 -3.71
CA ARG C 181 4.34 10.70 -2.28
C ARG C 181 5.63 9.96 -1.92
N ALA C 182 5.87 8.83 -2.57
CA ALA C 182 7.09 8.06 -2.30
C ALA C 182 8.33 8.70 -2.91
N GLU C 183 8.19 9.34 -4.07
CA GLU C 183 9.34 10.01 -4.67
C GLU C 183 9.75 11.23 -3.85
N PHE C 184 8.77 12.01 -3.39
CA PHE C 184 9.08 13.18 -2.57
C PHE C 184 9.66 12.78 -1.23
N ALA C 185 9.22 11.66 -0.66
CA ALA C 185 9.78 11.19 0.61
C ALA C 185 11.25 10.85 0.46
N LYS C 186 11.60 10.09 -0.59
CA LYS C 186 13.00 9.80 -0.87
C LYS C 186 13.75 11.08 -1.20
N HIS C 187 13.09 12.04 -1.85
CA HIS C 187 13.74 13.30 -2.21
C HIS C 187 13.88 14.21 -1.00
N ARG C 188 12.89 14.20 -0.09
CA ARG C 188 12.93 15.06 1.07
C ARG C 188 14.08 14.71 2.02
N ARG C 189 14.57 13.47 1.96
CA ARG C 189 15.69 13.07 2.81
C ARG C 189 16.92 13.95 2.55
N ASP C 190 17.25 14.16 1.28
CA ASP C 190 18.40 14.98 0.94
C ASP C 190 18.08 16.47 0.98
N SER C 191 16.85 16.85 0.69
CA SER C 191 16.51 18.27 0.61
C SER C 191 16.43 18.92 1.99
N VAL C 192 16.09 18.15 3.02
CA VAL C 192 16.02 18.72 4.37
C VAL C 192 17.40 19.02 4.93
N ALA C 193 18.45 18.40 4.37
CA ALA C 193 19.84 18.65 4.76
C ALA C 193 20.10 18.31 6.22
N MET C 194 19.40 17.32 6.75
CA MET C 194 19.68 16.85 8.11
C MET C 194 20.88 15.92 8.14
N GLN C 195 21.04 15.09 7.11
CA GLN C 195 22.13 14.13 7.08
C GLN C 195 23.52 14.75 7.16
N PRO C 196 23.82 15.90 6.53
CA PRO C 196 25.15 16.50 6.74
C PRO C 196 25.43 16.79 8.20
N PHE C 197 24.43 17.21 8.97
CA PHE C 197 24.62 17.44 10.39
C PHE C 197 24.68 16.15 11.19
N LEU C 198 24.20 15.04 10.63
CA LEU C 198 24.47 13.75 11.24
C LEU C 198 25.94 13.39 11.13
N CYS C 199 26.61 13.84 10.06
CA CYS C 199 28.05 13.68 9.96
C CYS C 199 28.78 14.55 10.98
N LEU C 200 28.36 15.81 11.12
CA LEU C 200 28.94 16.69 12.12
C LEU C 200 28.68 16.19 13.54
N HIS C 201 27.64 15.38 13.74
CA HIS C 201 27.42 14.77 15.05
C HIS C 201 28.58 13.88 15.46
N GLU C 202 29.17 13.18 14.48
CA GLU C 202 30.31 12.32 14.79
C GLU C 202 31.50 13.14 15.29
N ILE C 203 31.64 14.37 14.82
CA ILE C 203 32.75 15.22 15.26
C ILE C 203 32.59 15.59 16.72
N THR C 204 31.41 16.07 17.10
CA THR C 204 31.21 16.51 18.48
C THR C 204 31.07 15.33 19.43
N ALA C 205 30.63 14.17 18.94
CA ALA C 205 30.54 12.98 19.77
C ALA C 205 31.86 12.24 19.87
N GLY C 206 32.91 12.70 19.18
CA GLY C 206 34.21 12.06 19.26
C GLY C 206 34.24 10.66 18.70
N ILE C 207 33.46 10.38 17.66
CA ILE C 207 33.38 9.07 17.07
C ILE C 207 33.69 9.19 15.57
N ASP C 208 33.92 8.02 14.95
CA ASP C 208 34.20 7.96 13.51
C ASP C 208 33.81 6.57 13.04
N LEU C 209 32.60 6.45 12.49
CA LEU C 209 32.06 5.15 12.12
C LEU C 209 32.82 4.58 10.93
N PRO C 210 33.23 3.31 10.97
CA PRO C 210 33.78 2.67 9.77
C PRO C 210 32.68 2.34 8.78
N ASP C 211 33.08 1.94 7.58
CA ASP C 211 32.12 1.66 6.52
C ASP C 211 31.27 0.44 6.85
N SER C 212 31.80 -0.50 7.65
CA SER C 212 31.02 -1.67 8.03
C SER C 212 29.83 -1.27 8.89
N ALA C 213 30.06 -0.40 9.88
CA ALA C 213 28.96 0.06 10.74
C ALA C 213 27.96 0.90 9.96
N ARG C 214 28.45 1.70 9.00
CA ARG C 214 27.55 2.51 8.18
C ARG C 214 26.67 1.66 7.28
N SER C 215 27.09 0.44 6.96
CA SER C 215 26.31 -0.46 6.12
C SER C 215 25.35 -1.34 6.91
N LEU C 216 25.26 -1.15 8.21
CA LEU C 216 24.33 -1.94 9.01
C LEU C 216 22.90 -1.57 8.66
N PRO C 217 22.01 -2.55 8.44
CA PRO C 217 20.63 -2.20 8.05
C PRO C 217 19.90 -1.36 9.06
N ALA C 218 20.09 -1.63 10.35
CA ALA C 218 19.33 -0.90 11.36
C ALA C 218 19.89 0.51 11.57
N TYR C 219 21.20 0.70 11.42
CA TYR C 219 21.75 2.05 11.52
C TYR C 219 21.30 2.91 10.36
N ILE C 220 21.27 2.35 9.15
CA ILE C 220 20.76 3.09 7.99
C ILE C 220 19.31 3.50 8.22
N ALA C 221 18.50 2.56 8.72
CA ALA C 221 17.11 2.87 9.01
C ALA C 221 16.98 3.94 10.09
N LEU C 222 17.87 3.90 11.08
CA LEU C 222 17.84 4.92 12.13
C LEU C 222 18.19 6.29 11.58
N ARG C 223 19.16 6.36 10.68
CA ARG C 223 19.51 7.63 10.05
C ARG C 223 18.36 8.17 9.21
N ASN C 224 17.75 7.31 8.39
CA ASN C 224 16.64 7.75 7.56
C ASN C 224 15.42 8.10 8.40
N ALA C 225 15.18 7.39 9.50
CA ALA C 225 14.06 7.71 10.37
C ALA C 225 14.23 9.09 11.00
N VAL C 226 15.44 9.40 11.47
CA VAL C 226 15.72 10.73 11.99
C VAL C 226 15.54 11.78 10.89
N THR C 227 16.05 11.48 9.69
CA THR C 227 16.01 12.44 8.60
C THR C 227 14.59 12.66 8.10
N ASP C 228 13.82 11.59 7.93
CA ASP C 228 12.44 11.73 7.47
C ASP C 228 11.60 12.49 8.49
N HIS C 229 11.83 12.24 9.78
CA HIS C 229 11.06 12.93 10.83
C HIS C 229 11.31 14.43 10.77
N SER C 230 12.57 14.84 10.57
CA SER C 230 12.88 16.25 10.44
C SER C 230 12.20 16.86 9.22
N GLY C 231 12.25 16.15 8.08
CA GLY C 231 11.67 16.69 6.87
C GLY C 231 10.15 16.81 6.95
N LEU C 232 9.49 15.79 7.49
CA LEU C 232 8.03 15.84 7.59
C LEU C 232 7.58 16.88 8.60
N CYS C 233 8.23 16.92 9.77
CA CYS C 233 7.91 17.93 10.77
C CYS C 233 8.17 19.34 10.23
N ASN C 234 9.18 19.48 9.37
CA ASN C 234 9.42 20.76 8.71
C ASN C 234 8.23 21.16 7.84
N ASP C 235 7.69 20.21 7.07
CA ASP C 235 6.59 20.52 6.17
C ASP C 235 5.30 20.80 6.93
N ILE C 236 5.08 20.12 8.05
CA ILE C 236 3.84 20.31 8.80
C ILE C 236 3.82 21.69 9.44
N CYS C 237 4.93 22.09 10.06
CA CYS C 237 4.99 23.35 10.80
C CYS C 237 5.18 24.57 9.90
N SER C 238 5.11 24.41 8.59
CA SER C 238 5.25 25.54 7.68
C SER C 238 3.90 25.87 7.03
N HIS C 249 5.81 20.04 -3.56
CA HIS C 249 6.70 20.98 -2.90
C HIS C 249 6.69 20.75 -1.40
N ASN C 250 5.53 20.38 -0.87
CA ASN C 250 5.33 20.15 0.55
C ASN C 250 4.60 18.83 0.75
N ALA C 251 5.05 18.06 1.75
CA ALA C 251 4.48 16.73 1.97
C ALA C 251 3.03 16.80 2.40
N VAL C 252 2.62 17.89 3.06
CA VAL C 252 1.22 18.03 3.46
C VAL C 252 0.33 18.23 2.23
N ARG C 253 0.80 19.05 1.27
CA ARG C 253 0.01 19.28 0.07
C ARG C 253 -0.12 18.02 -0.77
N LEU C 254 0.94 17.21 -0.84
CA LEU C 254 0.89 15.97 -1.61
C LEU C 254 -0.08 14.99 -0.99
N ILE C 255 -0.11 14.92 0.35
CA ILE C 255 -1.12 14.10 1.03
C ILE C 255 -2.51 14.58 0.69
N GLN C 256 -2.72 15.90 0.70
CA GLN C 256 -4.01 16.45 0.32
C GLN C 256 -4.34 16.16 -1.14
N ARG C 257 -3.31 16.16 -2.01
CA ARG C 257 -3.54 15.91 -3.42
C ARG C 257 -3.95 14.47 -3.67
N ASP C 258 -3.19 13.51 -3.12
CA ASP C 258 -3.49 12.10 -3.37
C ASP C 258 -4.82 11.69 -2.75
N ARG C 259 -5.24 12.35 -1.68
CA ARG C 259 -6.46 11.97 -0.98
C ARG C 259 -7.64 12.90 -1.26
N GLY C 260 -7.42 14.04 -1.90
CA GLY C 260 -8.49 14.98 -2.19
C GLY C 260 -9.23 15.43 -0.95
N SER C 261 -8.49 15.79 0.09
CA SER C 261 -9.04 16.13 1.40
C SER C 261 -8.95 17.62 1.64
N THR C 262 -9.37 18.04 2.84
CA THR C 262 -9.20 19.41 3.26
C THR C 262 -7.80 19.59 3.86
N LEU C 263 -7.44 20.85 4.10
CA LEU C 263 -6.11 21.13 4.65
C LEU C 263 -5.97 20.61 6.07
N GLN C 264 -7.04 20.71 6.87
CA GLN C 264 -7.00 20.18 8.22
C GLN C 264 -6.90 18.66 8.22
N GLU C 265 -7.59 18.01 7.28
CA GLU C 265 -7.51 16.55 7.19
C GLU C 265 -6.13 16.11 6.72
N ALA C 266 -5.51 16.88 5.83
CA ALA C 266 -4.16 16.54 5.38
C ALA C 266 -3.14 16.74 6.48
N VAL C 267 -3.32 17.78 7.32
CA VAL C 267 -2.38 18.05 8.38
C VAL C 267 -2.42 16.95 9.44
N ASP C 268 -3.63 16.54 9.85
CA ASP C 268 -3.74 15.49 10.85
C ASP C 268 -3.25 14.15 10.32
N GLU C 269 -3.44 13.90 9.02
CA GLU C 269 -2.91 12.67 8.43
C GLU C 269 -1.39 12.67 8.42
N ALA C 270 -0.77 13.82 8.14
CA ALA C 270 0.68 13.92 8.18
C ALA C 270 1.20 13.72 9.59
N GLY C 271 0.52 14.30 10.59
CA GLY C 271 0.90 14.07 11.97
C GLY C 271 0.85 12.61 12.36
N ILE C 272 -0.09 11.86 11.80
CA ILE C 272 -0.14 10.43 12.03
C ILE C 272 1.03 9.74 11.35
N GLN C 273 1.32 10.11 10.10
CA GLN C 273 2.48 9.56 9.41
C GLN C 273 3.78 9.97 10.09
N LEU C 274 3.81 11.15 10.70
CA LEU C 274 4.97 11.53 11.52
C LEU C 274 5.09 10.65 12.75
N ALA C 275 3.97 10.23 13.32
CA ALA C 275 4.01 9.32 14.46
C ALA C 275 4.65 7.99 14.08
N ARG C 276 4.40 7.51 12.85
CA ARG C 276 4.97 6.22 12.47
C ARG C 276 6.45 6.33 12.15
N ILE C 277 6.93 7.52 11.79
CA ILE C 277 8.36 7.73 11.64
C ILE C 277 9.05 7.62 12.99
N ALA C 278 8.49 8.26 14.02
CA ALA C 278 9.05 8.15 15.36
C ALA C 278 8.99 6.72 15.87
N GLU C 279 7.97 5.95 15.47
CA GLU C 279 7.95 4.53 15.80
C GLU C 279 9.05 3.77 15.08
N ARG C 280 9.43 4.21 13.88
CA ARG C 280 10.57 3.61 13.20
C ARG C 280 11.88 3.91 13.90
N VAL C 281 11.98 5.09 14.53
CA VAL C 281 13.18 5.41 15.30
C VAL C 281 13.37 4.42 16.44
N GLN C 282 12.29 4.10 17.14
CA GLN C 282 12.37 3.16 18.26
C GLN C 282 12.74 1.76 17.78
N ARG C 283 12.12 1.30 16.70
CA ARG C 283 12.42 -0.04 16.19
C ARG C 283 13.84 -0.12 15.66
N ALA C 284 14.30 0.93 14.97
CA ALA C 284 15.69 0.94 14.50
C ALA C 284 16.67 0.93 15.66
N GLU C 285 16.35 1.66 16.74
CA GLU C 285 17.16 1.60 17.94
C GLU C 285 17.25 0.19 18.49
N ARG C 286 16.10 -0.48 18.60
CA ARG C 286 16.08 -1.85 19.11
C ARG C 286 16.87 -2.78 18.20
N GLU C 287 16.61 -2.72 16.89
CA GLU C 287 17.26 -3.62 15.97
C GLU C 287 18.74 -3.28 15.76
N LEU C 288 19.16 -2.06 16.09
CA LEU C 288 20.58 -1.74 16.00
C LEU C 288 21.35 -2.33 17.18
N ILE C 289 20.77 -2.30 18.38
CA ILE C 289 21.39 -2.96 19.52
C ILE C 289 21.49 -4.45 19.26
N GLU C 290 20.46 -5.02 18.62
CA GLU C 290 20.49 -6.44 18.29
C GLU C 290 21.56 -6.74 17.24
N GLU C 291 21.73 -5.84 16.25
CA GLU C 291 22.72 -6.09 15.21
C GLU C 291 24.13 -5.91 15.73
N ILE C 292 24.34 -4.97 16.66
CA ILE C 292 25.64 -4.85 17.32
C ILE C 292 25.98 -6.14 18.05
N GLU C 293 25.00 -6.69 18.78
CA GLU C 293 25.23 -7.92 19.55
C GLU C 293 25.45 -9.10 18.62
N ALA C 294 24.64 -9.23 17.57
CA ALA C 294 24.76 -10.35 16.66
C ALA C 294 26.02 -10.29 15.81
N ALA C 295 26.57 -9.10 15.59
CA ALA C 295 27.77 -8.95 14.78
C ALA C 295 29.06 -9.08 15.59
N GLY C 296 28.97 -9.12 16.92
CA GLY C 296 30.18 -9.15 17.73
C GLY C 296 30.98 -7.88 17.67
N ILE C 297 30.32 -6.73 17.52
CA ILE C 297 31.01 -5.45 17.42
C ILE C 297 31.37 -4.96 18.81
N ASP C 298 32.68 -4.80 19.06
CA ASP C 298 33.19 -4.30 20.32
C ASP C 298 34.09 -3.09 20.04
N GLY C 299 34.72 -2.58 21.10
CA GLY C 299 35.67 -1.50 20.98
C GLY C 299 35.03 -0.19 20.59
N PRO C 300 35.79 0.65 19.87
CA PRO C 300 35.26 1.98 19.51
C PRO C 300 34.04 1.93 18.61
N THR C 301 34.00 1.01 17.65
CA THR C 301 32.83 0.89 16.78
C THR C 301 31.57 0.60 17.60
N ARG C 302 31.71 -0.22 18.65
CA ARG C 302 30.57 -0.49 19.53
C ARG C 302 30.13 0.76 20.27
N THR C 303 31.09 1.48 20.87
CA THR C 303 30.74 2.70 21.59
C THR C 303 30.21 3.77 20.66
N ALA C 304 30.69 3.81 19.41
CA ALA C 304 30.24 4.83 18.47
C ALA C 304 28.80 4.59 18.05
N LEU C 305 28.43 3.34 17.77
CA LEU C 305 27.07 3.04 17.37
C LEU C 305 26.10 3.20 18.53
N GLU C 306 26.53 2.84 19.75
CA GLU C 306 25.69 3.07 20.91
C GLU C 306 25.53 4.55 21.21
N ARG C 307 26.53 5.35 20.87
CA ARG C 307 26.41 6.80 21.03
C ARG C 307 25.33 7.35 20.11
N CYS C 308 25.19 6.78 18.92
CA CYS C 308 24.14 7.22 18.00
C CYS C 308 22.77 6.74 18.48
N VAL C 309 22.70 5.54 19.04
CA VAL C 309 21.44 5.05 19.61
C VAL C 309 20.95 6.00 20.70
N ARG C 310 21.86 6.51 21.51
CA ARG C 310 21.47 7.38 22.62
C ARG C 310 21.14 8.79 22.14
N ASP C 311 21.86 9.29 21.14
CA ASP C 311 21.75 10.69 20.76
C ASP C 311 20.70 10.97 19.70
N TYR C 312 20.43 10.02 18.80
CA TYR C 312 19.62 10.34 17.62
C TYR C 312 18.21 10.73 17.99
N ARG C 313 17.59 10.06 18.97
CA ARG C 313 16.24 10.44 19.36
C ARG C 313 16.21 11.84 19.98
N GLY C 314 17.28 12.22 20.68
CA GLY C 314 17.37 13.59 21.16
C GLY C 314 17.48 14.60 20.03
N LEU C 315 18.15 14.23 18.93
CA LEU C 315 18.18 15.09 17.76
C LEU C 315 16.79 15.27 17.18
N VAL C 316 16.01 14.17 17.11
CA VAL C 316 14.64 14.26 16.64
C VAL C 316 13.82 15.18 17.53
N ARG C 317 13.94 15.00 18.84
CA ARG C 317 13.21 15.85 19.78
C ARG C 317 13.66 17.30 19.68
N GLY C 318 14.97 17.53 19.55
CA GLY C 318 15.46 18.90 19.39
C GLY C 318 14.95 19.54 18.11
N ASP C 319 14.99 18.79 17.00
CA ASP C 319 14.44 19.29 15.74
C ASP C 319 12.94 19.51 15.86
N PHE C 320 12.25 18.65 16.62
CA PHE C 320 10.82 18.83 16.82
C PHE C 320 10.51 20.09 17.63
N ASP C 321 11.33 20.38 18.65
CA ASP C 321 11.08 21.55 19.47
C ASP C 321 11.42 22.85 18.75
N TYR C 322 12.28 22.81 17.74
CA TYR C 322 12.55 24.01 16.96
C TYR C 322 11.35 24.38 16.10
N HIS C 323 10.76 23.40 15.41
CA HIS C 323 9.63 23.67 14.56
C HIS C 323 8.36 23.94 15.35
N ALA C 324 8.34 23.59 16.63
CA ALA C 324 7.24 23.94 17.54
C ALA C 324 7.83 24.90 18.57
N ARG C 325 7.81 26.19 18.23
CA ARG C 325 8.46 27.25 19.00
C ARG C 325 9.97 27.06 19.04
N GLN D 17 6.26 -28.82 -9.08
CA GLN D 17 6.24 -28.55 -10.51
C GLN D 17 5.76 -27.13 -10.78
N ILE D 18 6.66 -26.15 -10.55
CA ILE D 18 6.35 -24.75 -10.75
C ILE D 18 6.61 -24.38 -12.20
N THR D 19 5.68 -23.65 -12.80
CA THR D 19 5.82 -23.19 -14.18
C THR D 19 6.03 -21.68 -14.19
N LEU D 20 7.13 -21.25 -14.78
CA LEU D 20 7.41 -19.82 -14.85
C LEU D 20 6.34 -19.10 -15.66
N PRO D 21 5.90 -17.92 -15.22
CA PRO D 21 4.81 -17.24 -15.91
C PRO D 21 5.28 -16.57 -17.19
N ALA D 22 4.32 -16.27 -18.05
CA ALA D 22 4.59 -15.52 -19.27
C ALA D 22 5.04 -14.12 -18.89
N PHE D 23 6.32 -13.84 -19.02
CA PHE D 23 6.86 -12.55 -18.60
C PHE D 23 6.47 -11.45 -19.59
N HIS D 24 6.30 -10.24 -19.05
CA HIS D 24 6.04 -9.05 -19.85
C HIS D 24 7.38 -8.45 -20.23
N MET D 25 7.78 -8.66 -21.49
CA MET D 25 9.08 -8.20 -22.00
C MET D 25 8.86 -7.41 -23.28
N PRO D 26 8.63 -6.10 -23.16
CA PRO D 26 8.44 -5.25 -24.35
C PRO D 26 9.71 -4.69 -24.95
N PHE D 27 10.88 -5.12 -24.48
CA PHE D 27 12.16 -4.57 -24.94
C PHE D 27 12.80 -5.53 -25.93
N GLN D 28 13.24 -4.99 -27.07
CA GLN D 28 13.92 -5.80 -28.06
C GLN D 28 15.30 -6.21 -27.55
N SER D 29 15.92 -7.13 -28.27
CA SER D 29 17.26 -7.61 -27.93
C SER D 29 18.32 -6.82 -28.69
N ALA D 30 19.37 -6.45 -27.98
CA ALA D 30 20.54 -5.84 -28.60
C ALA D 30 21.51 -6.87 -29.16
N GLY D 31 21.15 -8.15 -29.14
CA GLY D 31 22.00 -9.20 -29.66
C GLY D 31 22.90 -9.80 -28.61
N CYS D 32 23.70 -10.75 -29.05
CA CYS D 32 24.70 -11.41 -28.21
C CYS D 32 26.07 -11.19 -28.83
N HIS D 33 27.01 -10.74 -28.00
CA HIS D 33 28.35 -10.41 -28.48
C HIS D 33 28.99 -11.62 -29.16
N PRO D 34 29.52 -11.47 -30.38
CA PRO D 34 30.11 -12.62 -31.08
C PRO D 34 31.41 -13.12 -30.48
N GLY D 35 31.93 -12.46 -29.45
CA GLY D 35 33.17 -12.90 -28.84
C GLY D 35 32.94 -13.64 -27.52
N LEU D 36 31.78 -14.29 -27.39
CA LEU D 36 31.45 -14.99 -26.15
C LEU D 36 32.46 -16.08 -25.86
N ALA D 37 32.78 -16.91 -26.85
CA ALA D 37 33.77 -17.96 -26.64
C ALA D 37 35.15 -17.37 -26.38
N GLU D 38 35.49 -16.28 -27.06
CA GLU D 38 36.80 -15.66 -26.87
C GLU D 38 36.91 -15.03 -25.49
N THR D 39 35.84 -14.40 -25.01
CA THR D 39 35.87 -13.79 -23.69
C THR D 39 35.80 -14.82 -22.57
N ARG D 40 35.33 -16.04 -22.87
CA ARG D 40 35.38 -17.11 -21.87
C ARG D 40 36.80 -17.66 -21.73
N GLU D 41 37.49 -17.84 -22.86
CA GLU D 41 38.88 -18.30 -22.82
C GLU D 41 39.76 -17.29 -22.08
N ALA D 42 39.53 -16.00 -22.32
CA ALA D 42 40.35 -14.97 -21.68
C ALA D 42 40.08 -14.90 -20.18
N ALA D 43 38.83 -15.08 -19.76
CA ALA D 43 38.50 -15.01 -18.34
C ALA D 43 39.14 -16.15 -17.57
N TRP D 44 39.18 -17.35 -18.15
CA TRP D 44 39.79 -18.49 -17.46
C TRP D 44 41.30 -18.38 -17.46
N GLU D 45 41.89 -17.97 -18.58
CA GLU D 45 43.34 -17.80 -18.61
C GLU D 45 43.80 -16.66 -17.72
N TRP D 46 42.97 -15.63 -17.56
CA TRP D 46 43.27 -14.57 -16.59
C TRP D 46 43.20 -15.10 -15.16
N ALA D 47 42.21 -15.95 -14.88
CA ALA D 47 42.10 -16.54 -13.55
C ALA D 47 43.31 -17.41 -13.22
N ALA D 48 43.82 -18.14 -14.21
CA ALA D 48 45.02 -18.94 -13.99
C ALA D 48 46.26 -18.06 -13.87
N ALA D 49 46.29 -16.93 -14.57
CA ALA D 49 47.45 -16.05 -14.51
C ALA D 49 47.50 -15.27 -13.20
N GLU D 50 46.36 -15.04 -12.57
CA GLU D 50 46.28 -14.32 -11.31
C GLU D 50 46.37 -15.22 -10.10
N GLY D 51 46.47 -16.54 -10.30
CA GLY D 51 46.55 -17.45 -9.17
C GLY D 51 45.22 -17.78 -8.53
N LEU D 52 44.11 -17.57 -9.23
CA LEU D 52 42.79 -17.89 -8.72
C LEU D 52 42.53 -19.38 -8.98
N ASP D 53 42.94 -20.21 -8.02
CA ASP D 53 42.81 -21.66 -8.15
C ASP D 53 41.44 -22.06 -7.60
N LEU D 54 40.50 -22.33 -8.50
CA LEU D 54 39.16 -22.73 -8.11
C LEU D 54 39.12 -24.21 -7.79
N SER D 55 38.35 -24.57 -6.76
CA SER D 55 38.12 -25.97 -6.45
C SER D 55 37.22 -26.59 -7.51
N VAL D 56 37.12 -27.93 -7.47
CA VAL D 56 36.30 -28.64 -8.45
C VAL D 56 34.83 -28.20 -8.37
N PRO D 57 34.20 -28.09 -7.20
CA PRO D 57 32.84 -27.53 -7.18
C PRO D 57 32.78 -26.09 -7.65
N ALA D 58 33.78 -25.28 -7.32
CA ALA D 58 33.80 -23.90 -7.79
C ALA D 58 34.01 -23.83 -9.30
N ARG D 59 34.86 -24.73 -9.84
CA ARG D 59 35.06 -24.76 -11.28
C ARG D 59 33.81 -25.23 -12.01
N ARG D 60 33.15 -26.26 -11.47
CA ARG D 60 31.91 -26.73 -12.08
C ARG D 60 30.79 -25.71 -11.97
N LYS D 61 30.76 -24.94 -10.88
CA LYS D 61 29.72 -23.94 -10.69
C LYS D 61 29.93 -22.73 -11.58
N MET D 62 31.18 -22.32 -11.80
CA MET D 62 31.45 -21.19 -12.67
C MET D 62 31.05 -21.50 -14.11
N ILE D 63 31.36 -22.70 -14.58
CA ILE D 63 30.95 -23.11 -15.92
C ILE D 63 29.43 -23.15 -16.02
N ARG D 64 28.76 -23.62 -14.97
CA ARG D 64 27.31 -23.73 -15.00
C ARG D 64 26.64 -22.36 -15.06
N THR D 65 27.18 -21.38 -14.32
CA THR D 65 26.58 -20.05 -14.31
C THR D 65 26.83 -19.28 -15.59
N ARG D 66 27.89 -19.62 -16.34
CA ARG D 66 28.24 -18.99 -17.61
C ARG D 66 28.35 -17.47 -17.47
N PRO D 67 29.42 -16.96 -16.86
CA PRO D 67 29.59 -15.50 -16.82
C PRO D 67 29.76 -14.87 -18.19
N GLU D 68 30.36 -15.60 -19.14
CA GLU D 68 30.54 -15.07 -20.48
C GLU D 68 29.21 -14.81 -21.17
N LEU D 69 28.16 -15.54 -20.78
CA LEU D 69 26.85 -15.34 -21.40
C LEU D 69 26.21 -14.04 -20.95
N TRP D 70 26.23 -13.78 -19.64
CA TRP D 70 25.65 -12.53 -19.13
C TRP D 70 26.41 -11.32 -19.64
N ILE D 71 27.75 -11.39 -19.68
CA ILE D 71 28.54 -10.25 -20.12
C ILE D 71 28.39 -10.03 -21.62
N SER D 72 28.07 -11.08 -22.38
CA SER D 72 27.87 -10.92 -23.81
C SER D 72 26.48 -10.40 -24.13
N LEU D 73 25.51 -10.67 -23.26
CA LEU D 73 24.16 -10.14 -23.46
C LEU D 73 24.03 -8.71 -22.95
N ILE D 74 24.83 -8.34 -21.96
CA ILE D 74 24.74 -6.99 -21.38
C ILE D 74 25.53 -5.99 -22.23
N PHE D 75 26.72 -6.36 -22.69
CA PHE D 75 27.57 -5.49 -23.51
C PHE D 75 27.80 -6.13 -24.87
N PRO D 76 26.77 -6.25 -25.70
CA PRO D 76 26.92 -6.98 -26.98
C PRO D 76 27.66 -6.21 -28.06
N GLN D 77 27.90 -4.91 -27.88
CA GLN D 77 28.57 -4.09 -28.89
C GLN D 77 29.91 -3.57 -28.41
N ALA D 78 30.44 -4.13 -27.33
CA ALA D 78 31.69 -3.65 -26.75
C ALA D 78 32.88 -4.22 -27.52
N THR D 79 34.02 -3.55 -27.37
CA THR D 79 35.26 -4.06 -27.91
C THR D 79 35.67 -5.33 -27.16
N GLN D 80 36.45 -6.17 -27.83
CA GLN D 80 36.89 -7.42 -27.22
C GLN D 80 37.69 -7.16 -25.96
N ALA D 81 38.49 -6.09 -25.95
CA ALA D 81 39.28 -5.76 -24.77
C ALA D 81 38.39 -5.35 -23.59
N HIS D 82 37.32 -4.60 -23.87
CA HIS D 82 36.40 -4.21 -22.80
C HIS D 82 35.53 -5.38 -22.36
N LEU D 83 35.15 -6.25 -23.30
CA LEU D 83 34.36 -7.43 -22.94
C LEU D 83 35.14 -8.35 -22.01
N ASP D 84 36.41 -8.60 -22.34
CA ASP D 84 37.24 -9.45 -21.49
C ASP D 84 37.44 -8.84 -20.11
N LEU D 85 37.70 -7.52 -20.06
CA LEU D 85 37.87 -6.86 -18.77
C LEU D 85 36.59 -6.91 -17.95
N PHE D 86 35.44 -6.73 -18.59
CA PHE D 86 34.18 -6.80 -17.87
C PHE D 86 33.83 -8.23 -17.48
N CYS D 87 34.21 -9.20 -18.30
CA CYS D 87 33.97 -10.60 -17.94
C CYS D 87 34.84 -11.04 -16.77
N GLN D 88 36.04 -10.47 -16.64
CA GLN D 88 36.90 -10.80 -15.51
C GLN D 88 36.41 -10.16 -14.23
N TRP D 89 35.75 -9.01 -14.32
CA TRP D 89 35.06 -8.45 -13.16
C TRP D 89 33.97 -9.38 -12.67
N LEU D 90 33.12 -9.84 -13.59
CA LEU D 90 32.03 -10.75 -13.22
C LEU D 90 32.56 -12.10 -12.76
N PHE D 91 33.61 -12.59 -13.42
CA PHE D 91 34.26 -13.81 -12.96
C PHE D 91 34.75 -13.67 -11.53
N TRP D 92 35.38 -12.53 -11.22
CA TRP D 92 35.84 -12.28 -9.86
C TRP D 92 34.67 -12.07 -8.91
N ALA D 93 33.61 -11.40 -9.37
CA ALA D 93 32.45 -11.15 -8.52
C ALA D 93 31.76 -12.46 -8.14
N PHE D 94 31.69 -13.42 -9.06
CA PHE D 94 31.12 -14.72 -8.73
C PHE D 94 31.97 -15.45 -7.70
N LEU D 95 33.30 -15.30 -7.78
CA LEU D 95 34.17 -15.89 -6.78
C LEU D 95 33.94 -15.27 -5.40
N VAL D 96 33.60 -13.99 -5.35
CA VAL D 96 33.30 -13.36 -4.07
C VAL D 96 31.97 -13.88 -3.52
N ASP D 97 30.96 -13.99 -4.38
CA ASP D 97 29.66 -14.46 -3.93
C ASP D 97 29.70 -15.91 -3.48
N ASP D 98 30.58 -16.71 -4.09
CA ASP D 98 30.71 -18.12 -3.72
C ASP D 98 31.23 -18.28 -2.30
N GLU D 99 32.06 -17.33 -1.83
CA GLU D 99 32.62 -17.42 -0.49
C GLU D 99 31.69 -16.87 0.58
N PHE D 100 30.74 -16.01 0.21
CA PHE D 100 29.81 -15.46 1.18
C PHE D 100 28.38 -15.94 0.92
N ASP D 102 27.36 -18.53 -1.36
CA ASP D 102 27.28 -19.99 -1.38
C ASP D 102 28.23 -20.59 -0.35
N GLY D 103 27.96 -20.34 0.94
CA GLY D 103 28.63 -21.05 2.00
C GLY D 103 29.49 -20.21 2.91
N PRO D 104 30.80 -20.53 2.94
CA PRO D 104 31.70 -20.13 4.05
C PRO D 104 31.27 -19.00 4.98
N ALA D 105 31.91 -17.84 4.83
CA ALA D 105 31.98 -16.85 5.89
C ALA D 105 30.65 -16.11 6.04
N GLY D 106 29.62 -16.58 5.35
CA GLY D 106 28.27 -16.01 5.48
C GLY D 106 27.65 -16.15 6.86
N ARG D 107 28.15 -17.06 7.67
CA ARG D 107 27.58 -17.33 8.98
C ARG D 107 28.20 -16.49 10.10
N ASP D 108 29.45 -16.05 9.94
CA ASP D 108 30.13 -15.29 10.98
C ASP D 108 30.30 -13.84 10.54
N PRO D 109 29.64 -12.88 11.21
CA PRO D 109 29.81 -11.47 10.82
C PRO D 109 31.20 -10.94 11.11
N LEU D 110 31.88 -11.45 12.15
CA LEU D 110 33.21 -10.95 12.48
C LEU D 110 34.20 -11.25 11.36
N MET D 111 34.24 -12.50 10.89
CA MET D 111 35.16 -12.85 9.82
C MET D 111 34.72 -12.23 8.49
N CYS D 112 33.41 -12.13 8.27
CA CYS D 112 32.92 -11.47 7.06
C CYS D 112 33.27 -9.98 7.06
N GLU D 113 33.22 -9.34 8.23
CA GLU D 113 33.62 -7.94 8.32
C GLU D 113 35.07 -7.76 7.92
N ARG D 114 35.95 -8.63 8.42
CA ARG D 114 37.37 -8.51 8.11
C ARG D 114 37.64 -8.79 6.64
N ALA D 115 36.97 -9.79 6.06
CA ALA D 115 37.20 -10.13 4.66
C ALA D 115 36.73 -9.03 3.73
N ILE D 116 35.56 -8.46 3.99
CA ILE D 116 35.04 -7.41 3.14
C ILE D 116 35.84 -6.12 3.32
N ALA D 117 36.20 -5.80 4.57
CA ALA D 117 36.96 -4.59 4.83
C ALA D 117 38.31 -4.60 4.13
N ARG D 118 38.91 -5.78 3.98
CA ARG D 118 40.18 -5.87 3.27
C ARG D 118 39.99 -5.70 1.77
N LEU D 119 38.88 -6.22 1.22
CA LEU D 119 38.61 -6.06 -0.20
C LEU D 119 38.35 -4.59 -0.54
N VAL D 120 37.52 -3.91 0.27
CA VAL D 120 37.23 -2.51 0.00
C VAL D 120 38.45 -1.65 0.27
N ASP D 121 39.35 -2.09 1.15
CA ASP D 121 40.62 -1.39 1.32
C ASP D 121 41.48 -1.55 0.08
N VAL D 122 41.57 -2.77 -0.45
CA VAL D 122 42.35 -3.00 -1.67
C VAL D 122 41.77 -2.21 -2.84
N PHE D 123 40.44 -2.17 -2.95
CA PHE D 123 39.81 -1.39 -4.02
C PHE D 123 40.13 0.09 -3.87
N ASP D 124 40.21 0.58 -2.63
CA ASP D 124 40.51 1.99 -2.41
C ASP D 124 41.98 2.33 -2.60
N GLY D 125 42.85 1.33 -2.74
CA GLY D 125 44.24 1.59 -3.03
C GLY D 125 45.24 0.86 -2.14
N ALA D 126 44.74 0.13 -1.14
CA ALA D 126 45.64 -0.57 -0.23
C ALA D 126 46.36 -1.70 -0.94
N ALA D 127 47.55 -2.04 -0.45
CA ALA D 127 48.35 -3.08 -1.06
C ALA D 127 47.63 -4.42 -0.96
N PRO D 128 47.66 -5.23 -2.01
CA PRO D 128 46.93 -6.51 -1.99
C PRO D 128 47.72 -7.64 -1.36
N ASN D 129 46.98 -8.59 -0.81
CA ASN D 129 47.55 -9.78 -0.20
C ASN D 129 46.66 -10.98 -0.52
N GLY D 130 47.20 -11.94 -1.25
CA GLY D 130 46.44 -13.10 -1.67
C GLY D 130 46.00 -12.99 -3.12
N PRO D 131 45.59 -14.11 -3.71
CA PRO D 131 45.21 -14.09 -5.13
C PRO D 131 43.98 -13.23 -5.40
N MET D 132 42.93 -13.36 -4.57
CA MET D 132 41.71 -12.61 -4.80
C MET D 132 41.95 -11.11 -4.64
N GLU D 133 42.78 -10.72 -3.67
CA GLU D 133 43.08 -9.31 -3.50
C GLU D 133 43.98 -8.79 -4.61
N ARG D 134 44.92 -9.61 -5.08
CA ARG D 134 45.78 -9.19 -6.19
C ARG D 134 45.01 -9.16 -7.51
N ALA D 135 43.98 -10.00 -7.65
CA ALA D 135 43.14 -9.94 -8.84
C ALA D 135 42.29 -8.68 -8.85
N LEU D 136 41.73 -8.31 -7.70
CA LEU D 136 40.94 -7.10 -7.61
C LEU D 136 41.80 -5.86 -7.85
N ALA D 137 43.05 -5.89 -7.36
CA ALA D 137 43.94 -4.75 -7.57
C ALA D 137 44.24 -4.54 -9.04
N GLY D 138 44.55 -5.62 -9.76
CA GLY D 138 44.80 -5.50 -11.18
C GLY D 138 43.55 -5.10 -11.96
N LEU D 139 42.40 -5.65 -11.57
CA LEU D 139 41.14 -5.24 -12.20
C LEU D 139 40.85 -3.77 -11.96
N ARG D 140 41.15 -3.28 -10.75
CA ARG D 140 40.88 -1.88 -10.43
C ARG D 140 41.78 -0.94 -11.25
N ASP D 141 43.06 -1.27 -11.36
CA ASP D 141 43.98 -0.40 -12.09
C ASP D 141 43.67 -0.40 -13.59
N ARG D 142 43.35 -1.56 -14.14
CA ARG D 142 42.97 -1.63 -15.55
C ARG D 142 41.69 -0.86 -15.85
N THR D 143 40.86 -0.63 -14.84
CA THR D 143 39.56 0.00 -15.03
C THR D 143 39.54 1.45 -14.58
N CYS D 144 40.04 1.74 -13.38
CA CYS D 144 39.88 3.06 -12.78
C CYS D 144 40.97 4.05 -13.18
N ARG D 145 42.18 3.58 -13.46
CA ARG D 145 43.29 4.48 -13.75
C ARG D 145 43.02 5.30 -15.00
N GLY D 146 43.06 6.62 -14.86
CA GLY D 146 42.88 7.54 -15.96
C GLY D 146 41.49 8.11 -16.11
N ARG D 147 40.50 7.57 -15.40
CA ARG D 147 39.13 8.01 -15.57
C ARG D 147 38.81 9.16 -14.62
N SER D 148 37.73 9.87 -14.94
CA SER D 148 37.39 11.11 -14.25
C SER D 148 37.08 10.85 -12.78
N PRO D 149 37.26 11.86 -11.91
CA PRO D 149 36.94 11.67 -10.49
C PRO D 149 35.48 11.31 -10.24
N GLN D 150 34.55 11.91 -10.99
CA GLN D 150 33.13 11.62 -10.75
C GLN D 150 32.77 10.19 -11.15
N TRP D 151 33.45 9.63 -12.15
CA TRP D 151 33.18 8.25 -12.55
C TRP D 151 33.71 7.28 -11.50
N ASN D 152 34.96 7.49 -11.06
CA ASN D 152 35.53 6.64 -10.03
C ASN D 152 34.73 6.74 -8.73
N ARG D 153 34.15 7.91 -8.45
CA ARG D 153 33.37 8.06 -7.23
C ARG D 153 32.09 7.23 -7.29
N GLN D 154 31.40 7.23 -8.43
CA GLN D 154 30.20 6.41 -8.57
C GLN D 154 30.54 4.93 -8.61
N PHE D 155 31.62 4.57 -9.32
CA PHE D 155 32.01 3.17 -9.42
C PHE D 155 32.47 2.64 -8.08
N ARG D 156 33.24 3.44 -7.33
CA ARG D 156 33.63 3.03 -5.98
C ARG D 156 32.42 2.92 -5.07
N ARG D 157 31.40 3.75 -5.27
CA ARG D 157 30.22 3.71 -4.43
C ARG D 157 29.38 2.46 -4.71
N ASP D 158 29.18 2.13 -5.99
CA ASP D 158 28.35 0.98 -6.33
C ASP D 158 29.05 -0.32 -6.00
N THR D 159 30.37 -0.39 -6.18
CA THR D 159 31.10 -1.62 -5.92
C THR D 159 31.20 -1.88 -4.41
N ALA D 160 31.55 -0.86 -3.64
CA ALA D 160 31.70 -1.04 -2.19
C ALA D 160 30.36 -1.37 -1.56
N ALA D 161 29.29 -0.73 -2.01
CA ALA D 161 27.95 -1.02 -1.46
C ALA D 161 27.56 -2.46 -1.73
N TRP D 162 27.95 -3.00 -2.88
CA TRP D 162 27.70 -4.41 -3.16
C TRP D 162 28.48 -5.31 -2.20
N LEU D 163 29.74 -4.97 -1.96
CA LEU D 163 30.57 -5.80 -1.07
C LEU D 163 30.04 -5.78 0.35
N TRP D 164 29.52 -4.62 0.80
CA TRP D 164 29.05 -4.50 2.17
C TRP D 164 27.68 -5.16 2.38
N THR D 165 26.98 -5.55 1.32
CA THR D 165 25.71 -6.25 1.51
C THR D 165 25.94 -7.66 2.05
N TYR D 166 27.10 -8.25 1.77
CA TYR D 166 27.41 -9.56 2.36
C TYR D 166 27.57 -9.44 3.87
N TYR D 167 28.10 -8.31 4.34
CA TYR D 167 28.19 -8.08 5.78
C TYR D 167 26.82 -7.79 6.38
N ALA D 168 26.01 -6.99 5.68
CA ALA D 168 24.68 -6.66 6.19
C ALA D 168 23.81 -7.91 6.31
N GLU D 169 23.84 -8.78 5.30
CA GLU D 169 23.04 -10.00 5.34
C GLU D 169 23.55 -10.95 6.40
N ALA D 170 24.87 -11.02 6.60
CA ALA D 170 25.42 -11.89 7.64
C ALA D 170 25.03 -11.40 9.03
N VAL D 171 25.04 -10.09 9.25
CA VAL D 171 24.62 -9.53 10.53
C VAL D 171 23.11 -9.69 10.70
N GLU D 172 22.35 -9.41 9.65
CA GLU D 172 20.90 -9.53 9.73
C GLU D 172 20.46 -10.99 9.92
N ARG D 173 21.27 -11.93 9.45
CA ARG D 173 20.94 -13.34 9.63
C ARG D 173 21.30 -13.84 11.02
N ALA D 174 22.34 -13.27 11.63
CA ALA D 174 22.74 -13.70 12.97
C ALA D 174 21.79 -13.20 14.05
N ALA D 175 21.12 -12.07 13.80
CA ALA D 175 20.19 -11.50 14.77
C ALA D 175 18.78 -12.05 14.61
N GLY D 176 18.57 -13.04 13.73
CA GLY D 176 17.23 -13.53 13.49
C GLY D 176 16.32 -12.52 12.83
N GLN D 177 16.88 -11.45 12.27
CA GLN D 177 16.10 -10.42 11.61
C GLN D 177 15.83 -10.82 10.16
N VAL D 178 14.57 -10.72 9.75
CA VAL D 178 14.19 -11.01 8.36
C VAL D 178 13.87 -9.70 7.66
N PRO D 179 14.30 -9.51 6.41
CA PRO D 179 14.04 -8.23 5.74
C PRO D 179 12.59 -8.11 5.32
N SER D 180 12.06 -6.89 5.39
CA SER D 180 10.74 -6.62 4.87
C SER D 180 10.75 -6.70 3.35
N ARG D 181 9.55 -6.68 2.77
CA ARG D 181 9.45 -6.73 1.31
C ARG D 181 10.00 -5.45 0.69
N ALA D 182 9.74 -4.30 1.31
CA ALA D 182 10.26 -3.04 0.81
C ALA D 182 11.72 -2.84 1.18
N GLU D 183 12.16 -3.40 2.32
CA GLU D 183 13.56 -3.25 2.70
C GLU D 183 14.47 -4.13 1.84
N PHE D 184 14.00 -5.33 1.49
CA PHE D 184 14.79 -6.21 0.63
C PHE D 184 14.83 -5.70 -0.80
N ALA D 185 13.79 -4.99 -1.25
CA ALA D 185 13.82 -4.38 -2.57
C ALA D 185 14.91 -3.33 -2.66
N LYS D 186 15.07 -2.51 -1.62
CA LYS D 186 16.16 -1.54 -1.61
C LYS D 186 17.51 -2.22 -1.38
N HIS D 187 17.51 -3.32 -0.62
CA HIS D 187 18.75 -4.05 -0.41
C HIS D 187 19.16 -4.83 -1.65
N ARG D 188 18.20 -5.31 -2.43
CA ARG D 188 18.51 -6.07 -3.64
C ARG D 188 19.20 -5.23 -4.70
N ARG D 189 19.10 -3.90 -4.62
CA ARG D 189 19.75 -3.04 -5.60
C ARG D 189 21.28 -3.16 -5.50
N ASP D 190 21.81 -3.12 -4.28
CA ASP D 190 23.25 -3.18 -4.10
C ASP D 190 23.77 -4.61 -4.17
N SER D 191 23.00 -5.59 -3.70
CA SER D 191 23.47 -6.97 -3.66
C SER D 191 23.38 -7.67 -5.01
N VAL D 192 22.62 -7.12 -5.96
CA VAL D 192 22.54 -7.73 -7.29
C VAL D 192 23.76 -7.39 -8.15
N ALA D 193 24.55 -6.41 -7.74
CA ALA D 193 25.79 -6.00 -8.41
C ALA D 193 25.55 -5.55 -9.85
N MET D 194 24.31 -5.15 -10.18
CA MET D 194 24.04 -4.60 -11.50
C MET D 194 24.57 -3.17 -11.62
N GLN D 195 24.53 -2.41 -10.53
CA GLN D 195 24.98 -1.02 -10.57
C GLN D 195 26.46 -0.86 -10.91
N PRO D 196 27.39 -1.68 -10.40
CA PRO D 196 28.78 -1.54 -10.86
C PRO D 196 28.95 -1.72 -12.35
N PHE D 197 28.14 -2.55 -12.99
CA PHE D 197 28.23 -2.76 -14.43
C PHE D 197 27.51 -1.67 -15.21
N LEU D 198 26.58 -0.96 -14.57
CA LEU D 198 26.07 0.27 -15.17
C LEU D 198 27.17 1.33 -15.24
N CYS D 199 28.10 1.31 -14.30
CA CYS D 199 29.29 2.16 -14.41
C CYS D 199 30.18 1.69 -15.54
N LEU D 200 30.31 0.37 -15.72
CA LEU D 200 31.10 -0.16 -16.83
C LEU D 200 30.44 0.10 -18.18
N HIS D 201 29.13 0.35 -18.20
CA HIS D 201 28.48 0.71 -19.45
C HIS D 201 28.98 2.05 -19.96
N GLU D 202 29.25 2.99 -19.05
CA GLU D 202 29.80 4.29 -19.46
C GLU D 202 31.12 4.13 -20.18
N ILE D 203 31.92 3.12 -19.81
CA ILE D 203 33.20 2.89 -20.47
C ILE D 203 32.98 2.46 -21.92
N THR D 204 32.25 1.36 -22.12
CA THR D 204 32.06 0.81 -23.45
C THR D 204 31.21 1.72 -24.34
N ALA D 205 30.40 2.61 -23.77
CA ALA D 205 29.58 3.52 -24.55
C ALA D 205 30.27 4.84 -24.82
N GLY D 206 31.45 5.08 -24.26
CA GLY D 206 32.18 6.30 -24.50
C GLY D 206 31.51 7.55 -23.95
N ILE D 207 30.95 7.46 -22.74
CA ILE D 207 30.25 8.56 -22.11
C ILE D 207 30.73 8.72 -20.67
N ASP D 208 30.41 9.86 -20.08
CA ASP D 208 30.69 10.11 -18.67
C ASP D 208 29.64 11.08 -18.16
N LEU D 209 28.76 10.58 -17.31
CA LEU D 209 27.65 11.38 -16.81
C LEU D 209 28.14 12.28 -15.67
N PRO D 210 27.89 13.58 -15.75
CA PRO D 210 28.22 14.47 -14.61
C PRO D 210 27.30 14.19 -13.44
N ASP D 211 27.67 14.76 -12.29
CA ASP D 211 26.86 14.59 -11.09
C ASP D 211 25.47 15.20 -11.27
N SER D 212 25.37 16.28 -12.06
CA SER D 212 24.07 16.88 -12.31
C SER D 212 23.14 15.92 -13.04
N ALA D 213 23.66 15.22 -14.05
CA ALA D 213 22.86 14.23 -14.76
C ALA D 213 22.55 13.03 -13.87
N ARG D 214 23.51 12.63 -13.04
CA ARG D 214 23.28 11.51 -12.12
C ARG D 214 22.18 11.80 -11.11
N SER D 215 21.92 13.08 -10.83
CA SER D 215 20.92 13.48 -9.84
C SER D 215 19.59 13.85 -10.47
N LEU D 216 19.42 13.63 -11.76
CA LEU D 216 18.13 13.88 -12.39
C LEU D 216 17.11 12.87 -11.90
N PRO D 217 15.91 13.31 -11.50
CA PRO D 217 14.93 12.36 -10.94
C PRO D 217 14.58 11.22 -11.89
N ALA D 218 14.46 11.49 -13.19
CA ALA D 218 14.08 10.45 -14.14
C ALA D 218 15.24 9.51 -14.45
N TYR D 219 16.48 10.01 -14.48
CA TYR D 219 17.60 9.11 -14.70
C TYR D 219 17.80 8.19 -13.51
N ILE D 220 17.59 8.70 -12.29
CA ILE D 220 17.67 7.86 -11.10
C ILE D 220 16.64 6.75 -11.18
N ALA D 221 15.42 7.07 -11.65
CA ALA D 221 14.39 6.05 -11.78
C ALA D 221 14.75 5.02 -12.85
N LEU D 222 15.33 5.46 -13.97
CA LEU D 222 15.73 4.53 -15.01
C LEU D 222 16.84 3.61 -14.51
N ARG D 223 17.81 4.17 -13.79
CA ARG D 223 18.89 3.36 -13.24
C ARG D 223 18.37 2.35 -12.23
N ASN D 224 17.46 2.78 -11.35
CA ASN D 224 16.92 1.88 -10.33
C ASN D 224 16.06 0.79 -10.97
N ALA D 225 15.28 1.14 -11.99
CA ALA D 225 14.40 0.17 -12.62
C ALA D 225 15.20 -0.92 -13.34
N VAL D 226 16.28 -0.55 -14.02
CA VAL D 226 17.15 -1.54 -14.65
C VAL D 226 17.74 -2.46 -13.58
N THR D 227 18.16 -1.89 -12.45
CA THR D 227 18.72 -2.70 -11.38
C THR D 227 17.64 -3.54 -10.70
N ASP D 228 16.45 -2.96 -10.49
CA ASP D 228 15.37 -3.71 -9.84
C ASP D 228 14.91 -4.87 -10.71
N HIS D 229 14.79 -4.65 -12.02
CA HIS D 229 14.36 -5.72 -12.91
C HIS D 229 15.34 -6.89 -12.90
N SER D 230 16.64 -6.60 -12.85
CA SER D 230 17.64 -7.65 -12.81
C SER D 230 17.55 -8.45 -11.51
N GLY D 231 17.36 -7.76 -10.39
CA GLY D 231 17.32 -8.45 -9.11
C GLY D 231 16.12 -9.37 -8.97
N LEU D 232 14.94 -8.87 -9.35
CA LEU D 232 13.73 -9.67 -9.25
C LEU D 232 13.73 -10.82 -10.25
N CYS D 233 14.17 -10.56 -11.48
CA CYS D 233 14.27 -11.64 -12.47
C CYS D 233 15.28 -12.70 -12.03
N ASN D 234 16.32 -12.29 -11.31
CA ASN D 234 17.25 -13.25 -10.73
C ASN D 234 16.57 -14.11 -9.67
N ASP D 235 15.85 -13.46 -8.75
CA ASP D 235 15.17 -14.18 -7.68
C ASP D 235 14.08 -15.12 -8.21
N ILE D 236 13.55 -14.85 -9.40
CA ILE D 236 12.50 -15.71 -9.96
C ILE D 236 13.11 -16.91 -10.66
N CYS D 237 14.20 -16.72 -11.40
CA CYS D 237 14.79 -17.75 -12.24
C CYS D 237 15.95 -18.48 -11.56
N SER D 238 16.04 -18.43 -10.24
CA SER D 238 17.13 -19.10 -9.53
C SER D 238 16.62 -19.89 -8.32
N HIS D 249 17.75 -15.20 1.29
CA HIS D 249 16.82 -14.10 1.08
C HIS D 249 16.46 -13.97 -0.40
N ASN D 250 15.24 -14.37 -0.73
CA ASN D 250 14.74 -14.35 -2.10
C ASN D 250 13.41 -13.62 -2.14
N ALA D 251 13.19 -12.85 -3.21
CA ALA D 251 11.99 -12.03 -3.30
C ALA D 251 10.73 -12.90 -3.41
N VAL D 252 10.81 -14.02 -4.14
CA VAL D 252 9.66 -14.91 -4.26
C VAL D 252 9.30 -15.52 -2.91
N ARG D 253 10.32 -15.80 -2.08
CA ARG D 253 10.05 -16.33 -0.75
C ARG D 253 9.38 -15.30 0.14
N LEU D 254 9.80 -14.03 0.03
CA LEU D 254 9.17 -12.98 0.84
C LEU D 254 7.75 -12.71 0.39
N ILE D 255 7.47 -12.82 -0.91
CA ILE D 255 6.10 -12.70 -1.39
C ILE D 255 5.25 -13.84 -0.84
N GLN D 256 5.79 -15.06 -0.86
CA GLN D 256 5.08 -16.21 -0.33
C GLN D 256 4.86 -16.07 1.18
N ARG D 257 5.83 -15.49 1.89
CA ARG D 257 5.74 -15.38 3.33
C ARG D 257 4.67 -14.36 3.74
N ASP D 258 4.72 -13.15 3.16
CA ASP D 258 3.77 -12.11 3.53
C ASP D 258 2.36 -12.38 3.03
N ARG D 259 2.20 -13.27 2.04
CA ARG D 259 0.89 -13.56 1.48
C ARG D 259 0.36 -14.94 1.86
N GLY D 260 1.20 -15.81 2.43
CA GLY D 260 0.75 -17.15 2.78
C GLY D 260 0.27 -17.94 1.58
N SER D 261 0.95 -17.80 0.45
CA SER D 261 0.52 -18.39 -0.81
C SER D 261 1.28 -19.68 -1.09
N THR D 262 0.86 -20.37 -2.15
CA THR D 262 1.64 -21.48 -2.68
C THR D 262 2.84 -20.94 -3.44
N LEU D 263 3.76 -21.85 -3.77
CA LEU D 263 4.97 -21.43 -4.48
C LEU D 263 4.64 -20.95 -5.89
N GLN D 264 3.64 -21.55 -6.54
CA GLN D 264 3.25 -21.10 -7.87
C GLN D 264 2.55 -19.75 -7.81
N GLU D 265 1.71 -19.55 -6.79
CA GLU D 265 1.02 -18.27 -6.64
C GLU D 265 2.01 -17.14 -6.37
N ALA D 266 3.09 -17.43 -5.66
CA ALA D 266 4.13 -16.43 -5.40
C ALA D 266 4.98 -16.15 -6.64
N VAL D 267 5.23 -17.18 -7.46
CA VAL D 267 6.03 -16.98 -8.67
C VAL D 267 5.27 -16.11 -9.66
N ASP D 268 3.98 -16.40 -9.87
CA ASP D 268 3.19 -15.58 -10.78
C ASP D 268 3.04 -14.16 -10.27
N GLU D 269 2.88 -13.99 -8.95
CA GLU D 269 2.83 -12.66 -8.38
C GLU D 269 4.15 -11.92 -8.56
N ALA D 270 5.26 -12.64 -8.40
CA ALA D 270 6.57 -12.03 -8.64
C ALA D 270 6.72 -11.60 -10.09
N GLY D 271 6.27 -12.46 -11.03
CA GLY D 271 6.31 -12.08 -12.43
C GLY D 271 5.45 -10.89 -12.76
N ILE D 272 4.35 -10.70 -12.02
CA ILE D 272 3.51 -9.53 -12.22
C ILE D 272 4.22 -8.27 -11.72
N GLN D 273 4.90 -8.36 -10.58
CA GLN D 273 5.65 -7.22 -10.08
C GLN D 273 6.80 -6.86 -11.01
N LEU D 274 7.42 -7.87 -11.63
CA LEU D 274 8.47 -7.60 -12.61
C LEU D 274 7.93 -6.83 -13.80
N ALA D 275 6.69 -7.13 -14.21
CA ALA D 275 6.07 -6.38 -15.28
C ALA D 275 5.89 -4.92 -14.91
N ARG D 276 5.64 -4.63 -13.63
CA ARG D 276 5.57 -3.24 -13.18
C ARG D 276 6.93 -2.55 -13.27
N ILE D 277 8.02 -3.29 -13.04
CA ILE D 277 9.34 -2.71 -13.13
C ILE D 277 9.67 -2.36 -14.58
N ALA D 278 9.35 -3.26 -15.50
CA ALA D 278 9.55 -2.97 -16.92
C ALA D 278 8.72 -1.77 -17.37
N GLU D 279 7.52 -1.63 -16.81
CA GLU D 279 6.72 -0.43 -17.09
C GLU D 279 7.41 0.82 -16.53
N ARG D 280 8.05 0.69 -15.38
CA ARG D 280 8.80 1.82 -14.83
C ARG D 280 9.99 2.19 -15.71
N VAL D 281 10.57 1.23 -16.41
CA VAL D 281 11.63 1.53 -17.37
C VAL D 281 11.09 2.42 -18.49
N GLN D 282 9.93 2.06 -19.03
CA GLN D 282 9.34 2.83 -20.12
C GLN D 282 8.97 4.23 -19.67
N ARG D 283 8.41 4.36 -18.46
CA ARG D 283 8.04 5.69 -17.96
C ARG D 283 9.28 6.52 -17.65
N ALA D 284 10.32 5.89 -17.10
CA ALA D 284 11.55 6.62 -16.83
C ALA D 284 12.20 7.10 -18.11
N GLU D 285 12.15 6.27 -19.17
CA GLU D 285 12.65 6.71 -20.47
C GLU D 285 11.92 7.95 -20.96
N ARG D 286 10.59 7.92 -20.90
CA ARG D 286 9.78 9.05 -21.35
C ARG D 286 10.10 10.31 -20.56
N GLU D 287 10.07 10.20 -19.23
CA GLU D 287 10.27 11.38 -18.39
C GLU D 287 11.72 11.85 -18.40
N LEU D 288 12.67 10.98 -18.77
CA LEU D 288 14.05 11.44 -18.89
C LEU D 288 14.23 12.31 -20.13
N ILE D 289 13.55 11.96 -21.23
CA ILE D 289 13.58 12.80 -22.43
C ILE D 289 12.95 14.16 -22.13
N GLU D 290 11.84 14.16 -21.38
CA GLU D 290 11.20 15.42 -21.00
C GLU D 290 12.12 16.25 -20.12
N GLU D 291 12.83 15.60 -19.19
CA GLU D 291 13.72 16.34 -18.31
C GLU D 291 14.94 16.87 -19.05
N ILE D 292 15.42 16.15 -20.07
CA ILE D 292 16.53 16.65 -20.87
C ILE D 292 16.12 17.92 -21.60
N GLU D 293 14.93 17.91 -22.21
CA GLU D 293 14.45 19.08 -22.94
C GLU D 293 14.11 20.22 -21.98
N ALA D 294 13.54 19.89 -20.82
CA ALA D 294 13.19 20.93 -19.85
C ALA D 294 14.44 21.61 -19.31
N ALA D 295 15.47 20.83 -19.00
CA ALA D 295 16.68 21.37 -18.42
C ALA D 295 17.59 22.06 -19.43
N GLY D 296 17.30 21.94 -20.72
CA GLY D 296 18.17 22.54 -21.72
C GLY D 296 19.53 21.87 -21.80
N ILE D 297 19.58 20.56 -21.58
CA ILE D 297 20.83 19.81 -21.63
C ILE D 297 21.21 19.56 -23.08
N ASP D 298 22.46 19.85 -23.43
CA ASP D 298 22.97 19.63 -24.77
C ASP D 298 24.42 19.17 -24.66
N GLY D 299 25.05 18.99 -25.81
CA GLY D 299 26.44 18.60 -25.86
C GLY D 299 26.65 17.16 -25.44
N PRO D 300 27.80 16.88 -24.80
CA PRO D 300 28.10 15.49 -24.42
C PRO D 300 27.13 14.91 -23.41
N THR D 301 26.68 15.71 -22.43
CA THR D 301 25.78 15.20 -21.41
C THR D 301 24.47 14.71 -22.04
N ARG D 302 23.96 15.45 -23.02
CA ARG D 302 22.74 15.01 -23.72
C ARG D 302 22.99 13.70 -24.45
N THR D 303 24.15 13.57 -25.10
CA THR D 303 24.48 12.32 -25.80
C THR D 303 24.60 11.16 -24.82
N ALA D 304 25.17 11.42 -23.64
CA ALA D 304 25.32 10.36 -22.64
C ALA D 304 23.96 9.89 -22.14
N LEU D 305 23.08 10.85 -21.82
CA LEU D 305 21.76 10.48 -21.32
C LEU D 305 20.91 9.83 -22.40
N GLU D 306 20.98 10.33 -23.64
CA GLU D 306 20.25 9.71 -24.73
C GLU D 306 20.80 8.33 -25.07
N ARG D 307 22.10 8.10 -24.81
CA ARG D 307 22.66 6.77 -24.99
C ARG D 307 22.12 5.79 -23.96
N CYS D 308 21.86 6.26 -22.74
CA CYS D 308 21.30 5.38 -21.71
C CYS D 308 19.85 5.05 -22.01
N VAL D 309 19.07 6.01 -22.51
CA VAL D 309 17.69 5.75 -22.90
C VAL D 309 17.63 4.65 -23.95
N ARG D 310 18.63 4.60 -24.84
CA ARG D 310 18.63 3.60 -25.89
C ARG D 310 19.15 2.25 -25.41
N ASP D 311 20.19 2.25 -24.57
CA ASP D 311 20.89 1.02 -24.21
C ASP D 311 20.31 0.32 -22.99
N TYR D 312 19.77 1.06 -22.02
CA TYR D 312 19.40 0.46 -20.75
C TYR D 312 18.32 -0.61 -20.91
N ARG D 313 17.31 -0.35 -21.74
CA ARG D 313 16.29 -1.36 -21.97
C ARG D 313 16.84 -2.60 -22.67
N GLY D 314 17.96 -2.46 -23.39
CA GLY D 314 18.63 -3.63 -23.93
C GLY D 314 19.35 -4.42 -22.87
N LEU D 315 19.94 -3.73 -21.88
CA LEU D 315 20.52 -4.42 -20.74
C LEU D 315 19.47 -5.20 -19.97
N VAL D 316 18.27 -4.64 -19.84
CA VAL D 316 17.18 -5.35 -19.18
C VAL D 316 16.84 -6.61 -19.95
N ARG D 317 16.70 -6.50 -21.28
CA ARG D 317 16.40 -7.66 -22.10
C ARG D 317 17.55 -8.66 -22.09
N GLY D 318 18.80 -8.17 -22.13
CA GLY D 318 19.93 -9.07 -22.07
C GLY D 318 20.02 -9.81 -20.76
N ASP D 319 19.81 -9.11 -19.65
CA ASP D 319 19.77 -9.77 -18.35
C ASP D 319 18.60 -10.74 -18.26
N PHE D 320 17.48 -10.40 -18.91
CA PHE D 320 16.31 -11.28 -18.88
C PHE D 320 16.56 -12.55 -19.68
N ASP D 321 17.17 -12.43 -20.88
CA ASP D 321 17.45 -13.60 -21.69
C ASP D 321 18.44 -14.52 -21.01
N TYR D 322 19.38 -13.97 -20.22
CA TYR D 322 20.32 -14.80 -19.49
C TYR D 322 19.61 -15.66 -18.45
N HIS D 323 18.75 -15.05 -17.64
CA HIS D 323 18.07 -15.78 -16.58
C HIS D 323 17.04 -16.76 -17.12
N ALA D 324 16.61 -16.60 -18.37
CA ALA D 324 15.65 -17.53 -18.96
C ALA D 324 16.31 -18.87 -19.27
N ARG D 325 17.14 -18.91 -20.31
CA ARG D 325 17.85 -20.12 -20.68
C ARG D 325 19.34 -19.86 -20.83
#